data_3L8K
#
_entry.id   3L8K
#
_cell.length_a   114.186
_cell.length_b   126.737
_cell.length_c   165.993
_cell.angle_alpha   90.000
_cell.angle_beta   90.000
_cell.angle_gamma   90.000
#
_symmetry.space_group_name_H-M   'I 21 21 21'
#
loop_
_entity.id
_entity.type
_entity.pdbx_description
1 polymer 'Dihydrolipoyl dehydrogenase'
2 non-polymer "ADENOSINE-5'-DIPHOSPHATE"
3 non-polymer 'PHOSPHATE ION'
4 water water
#
_entity_poly.entity_id   1
_entity_poly.type   'polypeptide(L)'
_entity_poly.pdbx_seq_one_letter_code
;MSLKYDVVVIGAGGAGYHGAFRLAKAKYNVLMADPKGELGGNCLYSGCVPSKTVREVIQTAWRLTNIANVKIPLDFSTVQ
DRKDYVQELRFKQHKRNMSQYETLTFYKGYVKIKDPTHVIVKTDEGKEIEAETRYMIIASGAETAKLRLPGVEYCLTSDD
IFGYKTSFRKLPQDMVIIGAGYIGLEIASIFRLMGVQTHIIEMLDRALITLEDQDIVNTLLSILKLNIKFNSPVTEVKKI
KDDEYEVIYSTKDGSKKSIFTNSVVLAAGRRPVIPEGAREIGLSISKTGIVVDETMKTNIPNVFATGDANGLAPYYHAAV
RMSIAAANNIMANGMPVDYVDVKSIPVTIYTIPSLSYVGILPSKARKMGIEIVEAEYNMEEDVSAQIYGQKEGVLKLIFE
RGSMRLIGAWMIGVHSQYLINELGLAVAYGLNAKQLASFAEQHPSTNEIISYTARKVIEGHHHHHH
;
_entity_poly.pdbx_strand_id   A,B
#
# COMPACT_ATOMS: atom_id res chain seq x y z
N SER A 2 1.31 38.19 30.03
CA SER A 2 2.48 38.92 30.63
C SER A 2 3.71 38.72 29.73
N LEU A 3 3.90 37.49 29.25
CA LEU A 3 4.56 37.23 27.97
C LEU A 3 3.48 37.19 26.90
N LYS A 4 3.87 37.47 25.66
CA LYS A 4 2.94 37.68 24.57
C LYS A 4 3.23 36.76 23.41
N TYR A 5 2.16 36.14 22.88
CA TYR A 5 2.22 35.20 21.77
C TYR A 5 1.11 35.42 20.75
N ASP A 6 1.35 34.91 19.54
CA ASP A 6 0.36 34.91 18.51
C ASP A 6 -0.68 33.83 18.72
N VAL A 7 -0.21 32.65 19.14
CA VAL A 7 -1.06 31.47 19.27
C VAL A 7 -0.60 30.68 20.48
N VAL A 8 -1.58 30.13 21.20
CA VAL A 8 -1.32 29.14 22.19
C VAL A 8 -1.91 27.82 21.69
N VAL A 9 -1.13 26.75 21.77
CA VAL A 9 -1.61 25.48 21.42
C VAL A 9 -1.63 24.59 22.66
N ILE A 10 -2.83 24.16 23.07
CA ILE A 10 -2.98 23.29 24.20
C ILE A 10 -2.99 21.80 23.77
N GLY A 11 -1.89 21.12 24.08
CA GLY A 11 -1.71 19.71 23.71
C GLY A 11 -0.75 19.57 22.57
N ALA A 12 0.14 18.56 22.65
CA ALA A 12 1.20 18.37 21.68
C ALA A 12 1.08 17.06 20.92
N GLY A 13 -0.11 16.53 20.83
CA GLY A 13 -0.33 15.44 19.88
C GLY A 13 -0.46 15.92 18.43
N GLY A 14 -0.92 15.02 17.56
CA GLY A 14 -1.15 15.34 16.16
C GLY A 14 -2.02 16.56 15.95
N ALA A 15 -3.13 16.62 16.68
CA ALA A 15 -4.02 17.78 16.67
C ALA A 15 -3.35 19.14 16.94
N GLY A 16 -2.14 19.12 17.52
CA GLY A 16 -1.51 20.33 18.01
C GLY A 16 -0.23 20.69 17.30
N TYR A 17 0.68 19.76 17.23
CA TYR A 17 1.99 20.11 16.81
C TYR A 17 2.15 20.38 15.30
N HIS A 18 1.39 19.70 14.45
CA HIS A 18 1.48 19.94 13.02
C HIS A 18 1.06 21.34 12.76
N GLY A 19 -0.02 21.78 13.40
CA GLY A 19 -0.46 23.18 13.27
C GLY A 19 0.57 24.16 13.79
N ALA A 20 1.11 23.83 14.96
CA ALA A 20 2.08 24.67 15.63
C ALA A 20 3.30 24.87 14.74
N PHE A 21 3.79 23.78 14.14
CA PHE A 21 4.95 23.83 13.26
C PHE A 21 4.63 24.69 12.04
N ARG A 22 3.46 24.52 11.46
CA ARG A 22 3.15 25.38 10.32
C ARG A 22 3.14 26.85 10.72
N LEU A 23 2.56 27.18 11.87
CA LEU A 23 2.52 28.56 12.32
C LEU A 23 3.94 29.07 12.52
N ALA A 24 4.73 28.33 13.27
CA ALA A 24 6.12 28.69 13.61
C ALA A 24 6.97 28.96 12.36
N LYS A 25 6.75 28.15 11.37
CA LYS A 25 7.40 28.29 10.10
C LYS A 25 7.01 29.63 9.42
N ALA A 26 5.78 30.07 9.61
CA ALA A 26 5.32 31.42 9.19
C ALA A 26 5.81 32.54 10.12
N LYS A 27 6.72 32.20 11.02
CA LYS A 27 7.28 33.15 12.02
C LYS A 27 6.26 33.70 13.05
N TYR A 28 5.16 32.96 13.32
CA TYR A 28 4.24 33.30 14.41
C TYR A 28 4.89 32.82 15.65
N ASN A 29 4.76 33.58 16.73
CA ASN A 29 5.24 33.15 18.03
C ASN A 29 4.13 32.28 18.62
N VAL A 30 4.49 31.07 19.00
CA VAL A 30 3.56 30.05 19.38
C VAL A 30 4.05 29.43 20.66
N LEU A 31 3.13 29.26 21.60
CA LEU A 31 3.44 28.58 22.83
C LEU A 31 2.62 27.32 22.82
N MET A 32 3.28 26.18 22.96
CA MET A 32 2.62 24.90 23.05
C MET A 32 3.00 24.32 24.41
N ALA A 33 2.04 23.71 25.08
CA ALA A 33 2.30 23.02 26.32
C ALA A 33 1.59 21.65 26.35
N ASP A 34 2.25 20.63 26.92
CA ASP A 34 1.68 19.30 27.15
C ASP A 34 2.35 18.68 28.39
N PRO A 35 1.56 18.14 29.33
CA PRO A 35 2.07 17.43 30.50
C PRO A 35 3.07 16.28 30.23
N LYS A 36 2.94 15.58 29.12
CA LYS A 36 3.90 14.55 28.81
C LYS A 36 5.30 15.12 28.56
N GLY A 37 5.38 16.40 28.18
CA GLY A 37 6.66 16.98 27.77
C GLY A 37 7.31 16.33 26.54
N GLU A 38 6.48 15.71 25.71
CA GLU A 38 6.93 15.03 24.51
C GLU A 38 5.88 15.30 23.49
N LEU A 39 6.24 15.16 22.23
CA LEU A 39 5.29 15.32 21.15
C LEU A 39 4.68 13.93 20.81
N GLY A 40 3.50 13.94 20.17
CA GLY A 40 2.87 12.74 19.64
C GLY A 40 1.56 12.35 20.34
N GLY A 41 1.39 12.88 21.54
CA GLY A 41 0.22 12.68 22.33
C GLY A 41 0.01 11.24 22.71
N ASN A 42 -1.23 10.94 23.02
CA ASN A 42 -1.59 9.61 23.39
C ASN A 42 -1.41 8.58 22.27
N CYS A 43 -1.61 9.00 21.03
CA CYS A 43 -1.46 8.09 19.92
C CYS A 43 -0.04 7.49 19.82
N LEU A 44 0.98 8.33 19.98
CA LEU A 44 2.33 7.85 20.08
C LEU A 44 2.65 7.19 21.46
N TYR A 45 2.19 7.79 22.56
CA TYR A 45 2.52 7.23 23.85
C TYR A 45 1.93 5.81 23.96
N SER A 46 0.65 5.65 23.62
CA SER A 46 -0.07 4.40 23.85
C SER A 46 -1.11 3.92 22.81
N GLY A 47 -1.26 4.62 21.70
CA GLY A 47 -2.21 4.20 20.64
C GLY A 47 -1.56 3.55 19.41
N CYS A 48 -1.90 4.09 18.25
CA CYS A 48 -1.59 3.56 16.93
C CYS A 48 -0.18 3.15 16.70
N VAL A 49 0.77 4.05 16.92
CA VAL A 49 2.16 3.72 16.62
C VAL A 49 2.63 2.44 17.32
N PRO A 50 2.57 2.39 18.65
CA PRO A 50 2.97 1.14 19.29
C PRO A 50 2.04 -0.05 18.96
N SER A 51 0.74 0.17 18.87
CA SER A 51 -0.15 -0.95 18.57
C SER A 51 0.12 -1.56 17.20
N LYS A 52 0.38 -0.72 16.20
CA LYS A 52 0.75 -1.24 14.88
C LYS A 52 2.11 -1.88 14.86
N THR A 53 3.03 -1.34 15.64
CA THR A 53 4.33 -1.97 15.74
C THR A 53 4.17 -3.40 16.21
N VAL A 54 3.38 -3.56 17.26
CA VAL A 54 3.17 -4.86 17.83
C VAL A 54 2.49 -5.75 16.79
N ARG A 55 1.44 -5.22 16.18
CA ARG A 55 0.69 -5.88 15.11
C ARG A 55 1.58 -6.34 13.97
N GLU A 56 2.51 -5.48 13.54
CA GLU A 56 3.42 -5.89 12.43
C GLU A 56 4.34 -7.01 12.83
N VAL A 57 4.93 -6.94 14.01
CA VAL A 57 5.94 -7.95 14.35
C VAL A 57 5.27 -9.30 14.36
N ILE A 58 4.12 -9.38 15.01
CA ILE A 58 3.33 -10.61 15.09
C ILE A 58 2.73 -11.12 13.78
N GLN A 59 2.29 -10.22 12.94
CA GLN A 59 1.88 -10.58 11.60
C GLN A 59 3.04 -11.14 10.74
N THR A 60 4.23 -10.57 10.88
CA THR A 60 5.40 -11.06 10.19
C THR A 60 5.79 -12.46 10.67
N ALA A 61 5.83 -12.65 11.98
CA ALA A 61 5.99 -14.01 12.54
C ALA A 61 4.98 -15.01 11.95
N TRP A 62 3.70 -14.65 11.92
CA TRP A 62 2.67 -15.56 11.46
C TRP A 62 2.72 -15.86 9.97
N ARG A 63 2.99 -14.85 9.14
CA ARG A 63 3.17 -15.09 7.70
C ARG A 63 4.29 -16.05 7.43
N LEU A 64 5.39 -15.87 8.11
CA LEU A 64 6.50 -16.77 7.98
C LEU A 64 6.15 -18.17 8.43
N THR A 65 5.28 -18.27 9.43
CA THR A 65 4.82 -19.58 9.89
C THR A 65 3.93 -20.26 8.86
N ASN A 66 3.13 -19.51 8.12
CA ASN A 66 2.36 -20.06 7.01
C ASN A 66 3.18 -20.42 5.78
N ILE A 67 4.38 -19.86 5.67
CA ILE A 67 5.23 -20.11 4.51
C ILE A 67 6.23 -21.25 4.76
N ALA A 68 6.92 -21.23 5.90
CA ALA A 68 7.89 -22.27 6.23
C ALA A 68 7.21 -23.47 6.88
N ASN A 69 5.90 -23.34 7.10
CA ASN A 69 5.10 -24.38 7.77
C ASN A 69 5.87 -25.23 8.79
N VAL A 70 6.60 -24.53 9.66
CA VAL A 70 7.00 -25.01 10.99
C VAL A 70 6.70 -23.82 11.90
N LYS A 71 6.56 -24.02 13.21
CA LYS A 71 6.20 -22.92 14.14
C LYS A 71 7.40 -21.99 14.44
N ILE A 72 7.15 -20.68 14.64
CA ILE A 72 8.22 -19.67 14.90
C ILE A 72 8.21 -19.17 16.36
N PRO A 73 9.36 -19.24 17.04
CA PRO A 73 9.48 -18.90 18.46
C PRO A 73 9.75 -17.41 18.71
N LEU A 74 8.81 -16.72 19.35
CA LEU A 74 8.97 -15.30 19.65
C LEU A 74 8.44 -15.01 21.03
N ASP A 75 9.27 -14.41 21.88
CA ASP A 75 8.82 -14.02 23.20
C ASP A 75 8.14 -12.65 23.09
N PHE A 76 7.06 -12.46 23.83
CA PHE A 76 6.34 -11.22 23.82
C PHE A 76 7.21 -10.04 24.30
N SER A 77 8.21 -10.31 25.16
CA SER A 77 9.10 -9.26 25.65
C SER A 77 9.95 -8.70 24.52
N THR A 78 10.31 -9.52 23.55
CA THR A 78 11.06 -9.07 22.40
C THR A 78 10.18 -8.17 21.50
N VAL A 79 8.89 -8.47 21.43
CA VAL A 79 7.96 -7.70 20.67
C VAL A 79 7.80 -6.36 21.35
N GLN A 80 7.77 -6.37 22.68
CA GLN A 80 7.61 -5.12 23.44
C GLN A 80 8.87 -4.27 23.38
N ASP A 81 10.03 -4.89 23.24
CA ASP A 81 11.26 -4.15 23.01
C ASP A 81 11.23 -3.39 21.68
N ARG A 82 10.70 -4.02 20.64
CA ARG A 82 10.67 -3.40 19.37
C ARG A 82 9.68 -2.26 19.38
N LYS A 83 8.58 -2.44 20.09
CA LYS A 83 7.60 -1.38 20.25
C LYS A 83 8.27 -0.19 20.91
N ASP A 84 9.07 -0.42 21.95
CA ASP A 84 9.75 0.67 22.67
C ASP A 84 10.85 1.31 21.83
N TYR A 85 11.61 0.50 21.10
CA TYR A 85 12.67 1.06 20.27
C TYR A 85 12.06 2.06 19.27
N VAL A 86 10.92 1.68 18.67
CA VAL A 86 10.26 2.52 17.73
C VAL A 86 9.73 3.76 18.45
N GLN A 87 9.11 3.61 19.60
CA GLN A 87 8.58 4.82 20.27
C GLN A 87 9.72 5.77 20.58
N GLU A 88 10.82 5.25 21.08
CA GLU A 88 12.00 6.07 21.36
C GLU A 88 12.55 6.82 20.16
N LEU A 89 12.69 6.18 18.99
CA LEU A 89 13.13 6.93 17.81
C LEU A 89 12.19 8.09 17.54
N ARG A 90 10.89 7.86 17.69
CA ARG A 90 9.96 8.88 17.28
C ARG A 90 9.84 10.03 18.25
N PHE A 91 9.96 9.79 19.55
CA PHE A 91 10.06 10.91 20.50
C PHE A 91 11.21 11.82 20.17
N LYS A 92 12.38 11.25 19.87
CA LYS A 92 13.59 12.02 19.49
C LYS A 92 13.43 12.78 18.21
N GLN A 93 12.80 12.15 17.26
CA GLN A 93 12.60 12.74 15.95
C GLN A 93 11.66 13.95 16.05
N HIS A 94 10.52 13.85 16.76
CA HIS A 94 9.66 15.02 16.88
C HIS A 94 10.38 16.15 17.61
N LYS A 95 11.19 15.86 18.63
CA LYS A 95 11.96 16.92 19.31
C LYS A 95 12.94 17.55 18.32
N ARG A 96 13.62 16.74 17.53
CA ARG A 96 14.62 17.27 16.64
C ARG A 96 13.98 18.11 15.55
N ASN A 97 12.79 17.71 15.08
CA ASN A 97 12.03 18.53 14.15
C ASN A 97 11.52 19.84 14.82
N MET A 98 11.03 19.77 16.05
CA MET A 98 10.60 20.98 16.78
C MET A 98 11.71 22.00 16.94
N SER A 99 12.92 21.52 17.21
CA SER A 99 14.03 22.40 17.54
C SER A 99 14.37 23.34 16.38
N GLN A 100 13.94 23.03 15.16
CA GLN A 100 14.13 23.89 14.01
C GLN A 100 13.31 25.17 13.99
N TYR A 101 12.27 25.29 14.83
CA TYR A 101 11.41 26.48 14.78
C TYR A 101 11.72 27.42 15.95
N GLU A 102 12.42 28.51 15.67
CA GLU A 102 12.89 29.38 16.75
C GLU A 102 11.75 30.10 17.46
N THR A 103 10.66 30.42 16.77
CA THR A 103 9.54 31.13 17.37
C THR A 103 8.49 30.23 18.03
N LEU A 104 8.84 28.95 18.20
CA LEU A 104 8.01 28.01 18.97
C LEU A 104 8.63 27.65 20.32
N THR A 105 7.89 27.91 21.38
CA THR A 105 8.29 27.65 22.73
C THR A 105 7.44 26.52 23.29
N PHE A 106 8.07 25.55 23.92
CA PHE A 106 7.36 24.37 24.36
C PHE A 106 7.46 24.23 25.87
N TYR A 107 6.37 23.91 26.56
CA TYR A 107 6.41 23.64 27.98
C TYR A 107 5.83 22.29 28.38
N LYS A 108 6.52 21.60 29.27
CA LYS A 108 5.97 20.46 29.97
C LYS A 108 5.03 21.00 31.05
N GLY A 109 3.73 20.98 30.81
CA GLY A 109 2.77 21.48 31.78
C GLY A 109 1.36 21.45 31.23
N TYR A 110 0.40 21.95 32.01
CA TYR A 110 -1.04 21.98 31.69
CA TYR A 110 -0.95 22.01 31.49
C TYR A 110 -1.48 23.43 31.50
N VAL A 111 -2.31 23.72 30.49
CA VAL A 111 -2.83 25.07 30.28
C VAL A 111 -4.21 25.20 30.90
N LYS A 112 -4.42 26.29 31.64
CA LYS A 112 -5.70 26.68 32.18
C LYS A 112 -6.06 27.94 31.43
N ILE A 113 -7.33 28.09 31.08
CA ILE A 113 -7.77 29.25 30.33
C ILE A 113 -8.41 30.26 31.27
N LYS A 114 -8.00 31.52 31.16
CA LYS A 114 -8.53 32.61 32.00
C LYS A 114 -9.65 33.33 31.28
N ASP A 115 -9.34 33.73 30.06
CA ASP A 115 -10.30 34.35 29.16
C ASP A 115 -9.77 34.06 27.75
N PRO A 116 -10.54 34.43 26.70
CA PRO A 116 -10.14 34.04 25.36
C PRO A 116 -8.75 34.48 24.93
N THR A 117 -8.09 35.39 25.65
CA THR A 117 -6.78 35.85 25.22
C THR A 117 -5.71 35.63 26.26
N HIS A 118 -6.01 34.88 27.31
CA HIS A 118 -5.09 34.74 28.42
C HIS A 118 -5.12 33.35 29.01
N VAL A 119 -3.94 32.79 29.23
CA VAL A 119 -3.85 31.48 29.81
C VAL A 119 -2.78 31.43 30.88
N ILE A 120 -2.74 30.33 31.59
CA ILE A 120 -1.76 30.08 32.61
C ILE A 120 -1.24 28.67 32.43
N VAL A 121 0.08 28.54 32.27
CA VAL A 121 0.69 27.23 32.16
C VAL A 121 1.23 26.82 33.51
N LYS A 122 0.72 25.72 34.03
CA LYS A 122 1.17 25.10 35.27
C LYS A 122 2.13 23.96 34.96
N THR A 123 3.40 24.14 35.34
CA THR A 123 4.46 23.15 35.13
C THR A 123 4.51 22.12 36.27
N ASP A 124 5.27 21.05 36.06
CA ASP A 124 5.25 19.85 36.94
C ASP A 124 5.67 20.11 38.43
N GLU A 125 6.90 20.59 38.63
CA GLU A 125 7.35 21.04 39.95
C GLU A 125 7.62 22.52 39.83
N GLY A 126 6.54 23.32 39.74
CA GLY A 126 6.71 24.69 39.24
C GLY A 126 5.65 25.75 39.42
N LYS A 127 5.96 26.90 38.81
CA LYS A 127 5.18 28.11 38.98
C LYS A 127 4.17 28.26 37.83
N GLU A 128 3.35 29.30 37.94
CA GLU A 128 2.43 29.70 36.90
C GLU A 128 3.17 30.56 35.87
N ILE A 129 3.16 30.16 34.60
CA ILE A 129 3.57 31.06 33.54
C ILE A 129 2.29 31.68 33.01
N GLU A 130 2.21 32.99 33.03
CA GLU A 130 1.02 33.68 32.58
C GLU A 130 1.24 34.20 31.17
N ALA A 131 0.30 33.92 30.27
CA ALA A 131 0.50 34.25 28.87
C ALA A 131 -0.69 34.93 28.22
N GLU A 132 -0.38 35.88 27.36
CA GLU A 132 -1.35 36.54 26.53
C GLU A 132 -1.19 36.02 25.08
N THR A 133 -2.28 36.04 24.33
CA THR A 133 -2.31 35.48 22.99
C THR A 133 -3.43 36.02 22.12
N ARG A 134 -3.27 35.97 20.80
CA ARG A 134 -4.34 36.38 19.88
C ARG A 134 -5.26 35.22 19.49
N TYR A 135 -4.70 34.04 19.24
CA TYR A 135 -5.53 32.85 18.97
C TYR A 135 -5.19 31.70 19.87
N MET A 136 -6.11 30.75 19.92
CA MET A 136 -5.93 29.58 20.75
C MET A 136 -6.36 28.34 19.92
N ILE A 137 -5.62 27.25 20.03
CA ILE A 137 -5.96 26.00 19.42
C ILE A 137 -6.03 25.03 20.56
N ILE A 138 -7.21 24.48 20.80
CA ILE A 138 -7.42 23.48 21.82
C ILE A 138 -7.29 22.10 21.21
N ALA A 139 -6.23 21.40 21.61
CA ALA A 139 -5.85 20.16 20.97
C ALA A 139 -5.59 19.17 22.06
N SER A 140 -6.46 19.14 23.05
CA SER A 140 -6.24 18.42 24.31
C SER A 140 -6.66 16.96 24.28
N GLY A 141 -7.22 16.53 23.17
CA GLY A 141 -7.40 15.09 22.93
C GLY A 141 -8.46 14.45 23.79
N ALA A 142 -8.25 13.20 24.14
CA ALA A 142 -9.24 12.43 24.85
C ALA A 142 -8.54 11.53 25.83
N GLU A 143 -9.28 10.91 26.73
CA GLU A 143 -8.69 10.01 27.71
C GLU A 143 -9.47 8.75 27.81
N THR A 144 -8.95 7.80 28.56
CA THR A 144 -9.70 6.57 28.72
C THR A 144 -10.89 6.79 29.69
N ALA A 145 -12.09 6.38 29.27
CA ALA A 145 -13.35 6.72 29.97
C ALA A 145 -13.36 6.25 31.44
N LYS A 146 -13.42 7.21 32.38
CA LYS A 146 -13.31 6.94 33.84
C LYS A 146 -14.63 6.32 34.35
N LEU A 147 -14.72 4.99 34.29
CA LEU A 147 -15.95 4.22 34.53
C LEU A 147 -16.13 4.02 36.04
N ARG A 148 -17.38 4.05 36.53
CA ARG A 148 -17.71 3.75 37.95
C ARG A 148 -18.26 2.32 38.04
N LEU A 149 -17.35 1.39 38.32
CA LEU A 149 -17.67 -0.02 38.44
C LEU A 149 -16.68 -0.60 39.40
N PRO A 150 -17.14 -1.45 40.34
CA PRO A 150 -16.19 -1.95 41.34
C PRO A 150 -15.16 -2.91 40.72
N GLY A 151 -13.88 -2.71 41.03
CA GLY A 151 -12.80 -3.49 40.41
C GLY A 151 -12.10 -2.85 39.19
N VAL A 152 -12.61 -1.73 38.71
CA VAL A 152 -12.01 -0.98 37.60
C VAL A 152 -10.48 -0.85 37.70
N GLU A 153 -9.98 -0.77 38.94
CA GLU A 153 -8.56 -0.59 39.22
C GLU A 153 -7.73 -1.83 38.90
N TYR A 154 -8.40 -2.97 38.81
CA TYR A 154 -7.77 -4.26 38.42
C TYR A 154 -7.72 -4.51 36.92
N CYS A 155 -8.47 -3.74 36.15
CA CYS A 155 -8.41 -3.84 34.68
C CYS A 155 -7.17 -3.12 34.07
N LEU A 156 -6.53 -3.76 33.11
CA LEU A 156 -5.59 -3.09 32.22
C LEU A 156 -6.33 -2.18 31.26
N THR A 157 -5.66 -1.14 30.78
CA THR A 157 -6.13 -0.42 29.59
C THR A 157 -5.06 -0.46 28.53
N SER A 158 -5.39 0.12 27.39
CA SER A 158 -4.45 0.34 26.31
C SER A 158 -3.18 1.03 26.73
N ASP A 159 -3.28 1.93 27.68
CA ASP A 159 -2.11 2.66 28.14
C ASP A 159 -1.14 1.69 28.74
N ASP A 160 -1.67 0.67 29.40
CA ASP A 160 -0.84 -0.31 30.09
C ASP A 160 -0.27 -1.30 29.12
N ILE A 161 -1.09 -1.72 28.16
CA ILE A 161 -0.68 -2.73 27.22
C ILE A 161 0.35 -2.16 26.25
N PHE A 162 0.14 -0.94 25.75
CA PHE A 162 1.02 -0.37 24.72
C PHE A 162 1.89 0.82 25.15
N GLY A 163 1.74 1.30 26.38
CA GLY A 163 2.50 2.41 26.89
C GLY A 163 4.00 2.20 26.78
N TYR A 164 4.72 3.28 26.52
CA TYR A 164 6.15 3.26 26.46
C TYR A 164 6.77 2.79 27.77
N LYS A 165 7.67 1.82 27.70
CA LYS A 165 8.35 1.26 28.87
C LYS A 165 7.36 0.60 29.82
N THR A 166 6.25 0.09 29.31
CA THR A 166 5.30 -0.63 30.14
C THR A 166 5.95 -1.84 30.76
N SER A 167 5.45 -2.26 31.91
CA SER A 167 5.89 -3.51 32.53
C SER A 167 5.03 -4.71 32.13
N PHE A 168 3.95 -4.51 31.35
CA PHE A 168 3.21 -5.64 30.76
C PHE A 168 4.07 -6.32 29.68
N ARG A 169 4.83 -7.32 30.08
CA ARG A 169 5.80 -7.96 29.19
C ARG A 169 5.68 -9.47 29.19
N LYS A 170 4.54 -9.98 29.63
CA LYS A 170 4.32 -11.40 29.66
C LYS A 170 2.87 -11.73 29.37
N LEU A 171 2.64 -12.66 28.46
CA LEU A 171 1.29 -12.95 28.04
C LEU A 171 0.55 -13.81 29.05
N PRO A 172 -0.73 -13.51 29.30
CA PRO A 172 -1.58 -14.41 30.07
C PRO A 172 -2.10 -15.57 29.25
N GLN A 173 -2.65 -16.60 29.89
CA GLN A 173 -3.18 -17.73 29.14
C GLN A 173 -4.52 -17.27 28.62
N ASP A 174 -5.28 -16.57 29.42
CA ASP A 174 -6.46 -16.01 28.84
C ASP A 174 -6.91 -14.67 29.39
N MET A 175 -7.72 -13.98 28.61
CA MET A 175 -7.94 -12.55 28.82
C MET A 175 -9.38 -12.25 28.51
N VAL A 176 -9.97 -11.42 29.35
CA VAL A 176 -11.30 -10.94 29.11
C VAL A 176 -11.19 -9.48 28.74
N ILE A 177 -11.86 -9.12 27.66
CA ILE A 177 -11.82 -7.79 27.12
C ILE A 177 -13.25 -7.23 27.30
N ILE A 178 -13.36 -6.07 27.95
CA ILE A 178 -14.63 -5.45 28.23
C ILE A 178 -14.85 -4.36 27.22
N GLY A 179 -15.73 -4.64 26.25
CA GLY A 179 -15.94 -3.75 25.09
C GLY A 179 -15.65 -4.34 23.69
N ALA A 180 -16.68 -4.34 22.83
CA ALA A 180 -16.59 -4.77 21.41
C ALA A 180 -16.49 -3.64 20.34
N GLY A 181 -15.97 -2.48 20.76
CA GLY A 181 -15.55 -1.40 19.87
C GLY A 181 -14.19 -1.67 19.24
N TYR A 182 -13.64 -0.67 18.58
CA TYR A 182 -12.50 -0.95 17.73
C TYR A 182 -11.28 -1.34 18.52
N ILE A 183 -11.06 -0.73 19.67
CA ILE A 183 -9.90 -1.03 20.48
C ILE A 183 -9.97 -2.45 21.03
N GLY A 184 -11.14 -2.85 21.52
CA GLY A 184 -11.33 -4.21 22.00
C GLY A 184 -11.14 -5.29 20.95
N LEU A 185 -11.68 -5.07 19.75
CA LEU A 185 -11.58 -6.07 18.69
C LEU A 185 -10.16 -6.16 18.26
N GLU A 186 -9.49 -5.02 18.15
CA GLU A 186 -8.07 -5.01 17.82
C GLU A 186 -7.22 -5.81 18.81
N ILE A 187 -7.41 -5.55 20.10
CA ILE A 187 -6.72 -6.26 21.13
C ILE A 187 -7.04 -7.75 21.09
N ALA A 188 -8.30 -8.10 20.93
CA ALA A 188 -8.69 -9.51 20.80
C ALA A 188 -7.98 -10.21 19.62
N SER A 189 -7.89 -9.52 18.48
CA SER A 189 -7.21 -10.08 17.28
C SER A 189 -5.73 -10.38 17.47
N ILE A 190 -5.00 -9.38 17.96
CA ILE A 190 -3.56 -9.49 18.12
C ILE A 190 -3.19 -10.48 19.21
N PHE A 191 -3.86 -10.43 20.35
CA PHE A 191 -3.50 -11.36 21.42
C PHE A 191 -3.86 -12.81 21.09
N ARG A 192 -4.98 -13.01 20.45
CA ARG A 192 -5.32 -14.34 20.00
C ARG A 192 -4.21 -14.89 19.11
N LEU A 193 -3.64 -14.03 18.28
CA LEU A 193 -2.65 -14.50 17.34
C LEU A 193 -1.35 -14.89 18.07
N MET A 194 -1.15 -14.36 19.28
CA MET A 194 0.04 -14.68 20.07
C MET A 194 -0.21 -15.81 21.07
N GLY A 195 -1.35 -16.49 20.96
CA GLY A 195 -1.63 -17.67 21.78
C GLY A 195 -2.60 -17.48 22.94
N VAL A 196 -3.15 -16.27 23.13
CA VAL A 196 -4.00 -15.97 24.25
C VAL A 196 -5.45 -16.30 23.94
N GLN A 197 -6.14 -16.88 24.92
CA GLN A 197 -7.57 -17.16 24.80
C GLN A 197 -8.33 -15.90 25.15
N THR A 198 -9.18 -15.44 24.28
CA THR A 198 -9.80 -14.15 24.52
C THR A 198 -11.30 -14.29 24.59
N HIS A 199 -11.91 -13.47 25.42
CA HIS A 199 -13.37 -13.41 25.48
C HIS A 199 -13.71 -11.93 25.50
N ILE A 200 -14.67 -11.50 24.69
CA ILE A 200 -15.10 -10.12 24.75
C ILE A 200 -16.48 -10.13 25.37
N ILE A 201 -16.74 -9.18 26.26
CA ILE A 201 -18.06 -9.01 26.86
C ILE A 201 -18.47 -7.60 26.56
N GLU A 202 -19.61 -7.43 25.93
CA GLU A 202 -20.08 -6.13 25.51
C GLU A 202 -21.44 -5.83 26.13
N MET A 203 -21.53 -4.66 26.72
CA MET A 203 -22.78 -4.10 27.22
C MET A 203 -23.87 -4.12 26.15
N LEU A 204 -23.62 -3.46 25.01
CA LEU A 204 -24.63 -3.18 24.00
C LEU A 204 -24.94 -4.43 23.17
N ASP A 205 -25.87 -4.31 22.21
CA ASP A 205 -26.27 -5.45 21.30
C ASP A 205 -25.39 -5.72 20.07
N ARG A 206 -24.41 -4.85 19.82
CA ARG A 206 -23.65 -4.84 18.55
C ARG A 206 -22.17 -4.42 18.77
N ALA A 207 -21.26 -4.94 17.94
CA ALA A 207 -19.87 -4.47 17.96
C ALA A 207 -19.78 -3.21 17.16
N LEU A 208 -18.67 -2.48 17.26
CA LEU A 208 -18.37 -1.31 16.40
C LEU A 208 -19.50 -0.29 16.16
N ILE A 209 -19.86 0.46 17.18
CA ILE A 209 -20.97 1.43 17.11
C ILE A 209 -20.56 2.59 16.20
N THR A 210 -19.28 2.94 16.25
CA THR A 210 -18.70 4.03 15.42
C THR A 210 -18.92 3.86 13.89
N LEU A 211 -19.21 2.63 13.46
CA LEU A 211 -19.51 2.29 12.08
C LEU A 211 -21.00 1.98 11.98
N GLU A 212 -21.76 2.87 11.32
CA GLU A 212 -23.24 2.78 11.32
C GLU A 212 -23.81 1.57 10.57
N ASP A 213 -22.98 0.82 9.86
CA ASP A 213 -23.39 -0.17 8.86
C ASP A 213 -23.25 -1.61 9.36
N GLN A 214 -24.33 -2.14 9.93
CA GLN A 214 -24.32 -3.48 10.54
C GLN A 214 -23.91 -4.66 9.62
N ASP A 215 -24.26 -4.58 8.36
CA ASP A 215 -23.93 -5.62 7.36
C ASP A 215 -22.41 -5.76 7.21
N ILE A 216 -21.68 -4.65 7.36
CA ILE A 216 -20.25 -4.62 7.22
C ILE A 216 -19.63 -5.17 8.50
N VAL A 217 -20.21 -4.79 9.63
CA VAL A 217 -19.74 -5.28 10.89
C VAL A 217 -19.93 -6.77 10.95
N ASN A 218 -21.10 -7.26 10.55
CA ASN A 218 -21.36 -8.70 10.56
C ASN A 218 -20.38 -9.48 9.69
N THR A 219 -20.02 -8.97 8.51
CA THR A 219 -19.07 -9.66 7.63
C THR A 219 -17.74 -9.78 8.33
N LEU A 220 -17.29 -8.71 8.99
CA LEU A 220 -16.03 -8.77 9.73
C LEU A 220 -16.12 -9.77 10.87
N LEU A 221 -17.20 -9.81 11.64
CA LEU A 221 -17.31 -10.79 12.70
C LEU A 221 -17.31 -12.22 12.17
N SER A 222 -17.90 -12.46 10.99
CA SER A 222 -17.91 -13.80 10.41
C SER A 222 -16.57 -14.28 9.99
N ILE A 223 -15.67 -13.34 9.72
CA ILE A 223 -14.31 -13.69 9.35
C ILE A 223 -13.48 -13.82 10.61
N LEU A 224 -13.71 -12.94 11.57
CA LEU A 224 -12.89 -12.97 12.79
C LEU A 224 -13.18 -14.18 13.67
N LYS A 225 -14.46 -14.49 13.89
CA LYS A 225 -14.87 -15.65 14.66
C LYS A 225 -14.31 -15.56 16.08
N LEU A 226 -14.48 -14.39 16.69
CA LEU A 226 -14.08 -14.15 18.05
C LEU A 226 -15.18 -14.65 19.00
N ASN A 227 -14.80 -14.88 20.26
CA ASN A 227 -15.78 -15.19 21.30
CA ASN A 227 -15.73 -15.20 21.30
C ASN A 227 -16.36 -13.91 21.88
N ILE A 228 -17.50 -13.48 21.35
CA ILE A 228 -18.15 -12.25 21.84
C ILE A 228 -19.47 -12.52 22.51
N LYS A 229 -19.60 -12.03 23.75
CA LYS A 229 -20.87 -12.01 24.45
C LYS A 229 -21.56 -10.64 24.38
N PHE A 230 -22.78 -10.57 23.85
CA PHE A 230 -23.48 -9.29 23.73
C PHE A 230 -24.54 -9.15 24.80
N ASN A 231 -24.97 -7.90 25.03
CA ASN A 231 -26.03 -7.61 25.99
C ASN A 231 -25.66 -8.03 27.39
N SER A 232 -24.39 -7.84 27.74
CA SER A 232 -23.82 -8.39 28.95
C SER A 232 -23.01 -7.35 29.74
N PRO A 233 -23.70 -6.46 30.42
CA PRO A 233 -22.94 -5.45 31.17
C PRO A 233 -22.12 -6.10 32.27
N VAL A 234 -20.89 -5.67 32.43
CA VAL A 234 -20.11 -6.07 33.59
C VAL A 234 -20.56 -5.29 34.80
N THR A 235 -20.64 -5.98 35.93
CA THR A 235 -21.08 -5.39 37.20
C THR A 235 -20.00 -5.39 38.25
N GLU A 236 -18.93 -6.15 38.04
CA GLU A 236 -17.84 -6.21 39.00
C GLU A 236 -16.69 -7.03 38.45
N VAL A 237 -15.51 -6.57 38.84
CA VAL A 237 -14.27 -7.28 38.64
C VAL A 237 -13.66 -7.60 39.99
N LYS A 238 -13.42 -8.89 40.25
CA LYS A 238 -12.83 -9.33 41.48
C LYS A 238 -11.41 -9.82 41.20
N LYS A 239 -10.48 -9.47 42.08
CA LYS A 239 -9.11 -9.99 42.04
C LYS A 239 -8.96 -11.04 43.12
N ILE A 240 -8.66 -12.26 42.70
CA ILE A 240 -8.39 -13.32 43.65
C ILE A 240 -6.94 -13.19 44.10
N LYS A 241 -6.01 -13.26 43.16
CA LYS A 241 -4.60 -13.13 43.43
C LYS A 241 -3.94 -12.62 42.13
N ASP A 242 -2.61 -12.50 42.07
CA ASP A 242 -1.94 -12.12 40.83
C ASP A 242 -2.23 -13.17 39.75
N ASP A 243 -2.76 -12.68 38.64
CA ASP A 243 -3.09 -13.47 37.48
C ASP A 243 -4.36 -14.28 37.65
N GLU A 244 -5.21 -13.89 38.59
CA GLU A 244 -6.48 -14.57 38.79
C GLU A 244 -7.56 -13.53 39.11
N TYR A 245 -8.53 -13.41 38.21
CA TYR A 245 -9.61 -12.47 38.37
C TYR A 245 -10.91 -13.14 38.08
N GLU A 246 -11.95 -12.48 38.53
CA GLU A 246 -13.31 -12.88 38.23
C GLU A 246 -14.04 -11.66 37.71
N VAL A 247 -14.69 -11.83 36.57
CA VAL A 247 -15.44 -10.77 35.98
C VAL A 247 -16.83 -11.23 36.09
N ILE A 248 -17.68 -10.41 36.72
CA ILE A 248 -19.07 -10.76 36.97
C ILE A 248 -19.95 -9.93 36.06
N TYR A 249 -20.97 -10.54 35.48
CA TYR A 249 -21.83 -9.83 34.51
C TYR A 249 -23.29 -10.30 34.43
N SER A 250 -24.20 -9.40 34.05
CA SER A 250 -25.64 -9.69 33.87
C SER A 250 -25.88 -10.10 32.44
N THR A 251 -26.99 -10.77 32.16
CA THR A 251 -27.31 -11.13 30.78
C THR A 251 -28.65 -10.52 30.32
N LYS A 252 -28.98 -10.75 29.04
CA LYS A 252 -30.21 -10.23 28.38
C LYS A 252 -31.51 -10.63 29.10
N ASP A 253 -31.43 -11.66 29.97
CA ASP A 253 -32.52 -12.09 30.88
C ASP A 253 -32.50 -11.37 32.25
N GLY A 254 -31.31 -11.04 32.77
CA GLY A 254 -31.19 -10.45 34.13
C GLY A 254 -30.39 -11.27 35.15
N SER A 255 -30.08 -12.52 34.79
CA SER A 255 -29.34 -13.43 35.67
C SER A 255 -27.84 -13.15 35.66
N LYS A 256 -27.26 -12.93 36.84
CA LYS A 256 -25.82 -12.76 37.01
C LYS A 256 -25.05 -14.03 36.60
N LYS A 257 -23.84 -13.85 36.07
CA LYS A 257 -22.97 -14.95 35.64
C LYS A 257 -21.52 -14.55 35.80
N SER A 258 -20.65 -15.52 35.68
CA SER A 258 -19.28 -15.32 36.08
C SER A 258 -18.31 -15.99 35.11
N ILE A 259 -17.17 -15.35 34.91
CA ILE A 259 -16.09 -15.91 34.10
C ILE A 259 -14.76 -15.62 34.82
N PHE A 260 -13.94 -16.64 34.92
CA PHE A 260 -12.65 -16.54 35.54
C PHE A 260 -11.62 -16.33 34.46
N THR A 261 -10.62 -15.50 34.76
CA THR A 261 -9.57 -15.19 33.81
C THR A 261 -8.24 -14.79 34.48
N ASN A 262 -7.20 -14.79 33.67
CA ASN A 262 -5.90 -14.35 34.14
C ASN A 262 -5.68 -12.84 34.04
N SER A 263 -6.53 -12.15 33.28
CA SER A 263 -6.27 -10.77 32.85
C SER A 263 -7.50 -10.05 32.32
N VAL A 264 -7.77 -8.84 32.80
CA VAL A 264 -8.98 -8.14 32.40
C VAL A 264 -8.59 -6.81 31.76
N VAL A 265 -9.11 -6.55 30.56
CA VAL A 265 -8.75 -5.36 29.79
C VAL A 265 -9.99 -4.51 29.63
N LEU A 266 -9.93 -3.25 30.02
CA LEU A 266 -11.07 -2.36 29.80
C LEU A 266 -10.92 -1.63 28.47
N ALA A 267 -11.81 -1.91 27.53
CA ALA A 267 -11.77 -1.30 26.20
C ALA A 267 -13.02 -0.48 26.01
N ALA A 268 -13.22 0.46 26.90
CA ALA A 268 -14.33 1.39 26.76
C ALA A 268 -13.98 2.46 25.71
N GLY A 269 -14.97 3.29 25.39
CA GLY A 269 -14.68 4.43 24.52
C GLY A 269 -13.79 5.39 25.31
N ARG A 270 -13.06 6.21 24.57
CA ARG A 270 -12.32 7.33 25.13
C ARG A 270 -13.28 8.50 25.21
N ARG A 271 -12.96 9.50 26.02
CA ARG A 271 -13.82 10.69 26.19
C ARG A 271 -12.99 11.93 25.96
N PRO A 272 -13.58 12.96 25.35
CA PRO A 272 -12.86 14.22 25.18
C PRO A 272 -12.38 14.80 26.50
N VAL A 273 -11.22 15.45 26.47
CA VAL A 273 -10.60 16.10 27.60
C VAL A 273 -10.71 17.60 27.38
N ILE A 274 -11.43 18.26 28.28
CA ILE A 274 -11.71 19.70 28.22
C ILE A 274 -10.76 20.39 29.19
N PRO A 275 -9.99 21.37 28.72
CA PRO A 275 -9.12 22.08 29.65
C PRO A 275 -9.86 22.94 30.68
N GLU A 276 -9.24 23.07 31.85
CA GLU A 276 -9.76 23.95 32.89
C GLU A 276 -9.93 25.36 32.38
N GLY A 277 -11.11 25.90 32.66
CA GLY A 277 -11.45 27.24 32.26
C GLY A 277 -12.28 27.30 31.01
N ALA A 278 -12.36 26.19 30.30
CA ALA A 278 -13.01 26.16 28.98
C ALA A 278 -14.51 26.45 29.09
N ARG A 279 -15.20 25.74 29.99
CA ARG A 279 -16.61 26.01 30.24
C ARG A 279 -16.82 27.47 30.65
N GLU A 280 -15.94 27.96 31.51
CA GLU A 280 -16.19 29.20 32.20
C GLU A 280 -16.14 30.41 31.27
N ILE A 281 -15.54 30.28 30.08
CA ILE A 281 -15.50 31.41 29.15
C ILE A 281 -16.61 31.32 28.11
N GLY A 282 -17.43 30.27 28.20
CA GLY A 282 -18.66 30.18 27.41
C GLY A 282 -18.53 29.38 26.11
N LEU A 283 -17.68 28.38 26.12
CA LEU A 283 -17.40 27.59 24.95
C LEU A 283 -18.51 26.53 24.84
N SER A 284 -19.15 26.41 23.65
CA SER A 284 -20.16 25.35 23.47
C SER A 284 -19.47 24.00 23.39
N ILE A 285 -19.99 23.08 24.19
CA ILE A 285 -19.46 21.74 24.40
C ILE A 285 -20.66 20.76 24.46
N SER A 286 -20.61 19.67 23.72
CA SER A 286 -21.65 18.66 23.77
C SER A 286 -21.13 17.33 24.31
N LYS A 287 -21.91 16.27 24.16
CA LYS A 287 -21.48 14.91 24.56
C LYS A 287 -20.18 14.47 23.83
N THR A 288 -20.18 14.65 22.52
CA THR A 288 -19.09 14.20 21.66
C THR A 288 -17.84 15.04 21.79
N GLY A 289 -17.98 16.33 22.09
CA GLY A 289 -16.84 17.19 22.45
C GLY A 289 -17.09 18.67 22.29
N ILE A 290 -16.02 19.45 22.06
CA ILE A 290 -16.15 20.89 21.80
C ILE A 290 -16.74 21.12 20.40
N VAL A 291 -17.81 21.90 20.31
CA VAL A 291 -18.53 22.06 19.05
C VAL A 291 -17.74 22.94 18.13
N VAL A 292 -17.51 22.49 16.91
CA VAL A 292 -16.80 23.28 15.93
C VAL A 292 -17.49 23.17 14.59
N ASP A 293 -17.28 24.16 13.73
CA ASP A 293 -17.70 24.11 12.36
C ASP A 293 -16.56 23.46 11.51
N GLU A 294 -16.70 23.41 10.19
CA GLU A 294 -15.71 22.69 9.36
C GLU A 294 -14.34 23.34 9.27
N THR A 295 -14.25 24.57 9.72
CA THR A 295 -12.98 25.28 9.75
C THR A 295 -12.29 25.12 11.12
N MET A 296 -12.91 24.37 12.04
CA MET A 296 -12.38 24.06 13.38
C MET A 296 -12.57 25.19 14.38
N LYS A 297 -13.38 26.15 13.98
CA LYS A 297 -13.66 27.32 14.79
C LYS A 297 -14.83 27.01 15.76
N THR A 298 -14.69 27.46 17.00
CA THR A 298 -15.67 27.30 18.05
C THR A 298 -16.64 28.50 18.08
N ASN A 299 -17.49 28.58 19.07
CA ASN A 299 -18.36 29.77 19.22
C ASN A 299 -17.62 31.01 19.70
N ILE A 300 -16.42 30.83 20.26
CA ILE A 300 -15.53 31.97 20.61
C ILE A 300 -14.59 32.12 19.42
N PRO A 301 -14.63 33.26 18.72
CA PRO A 301 -14.09 33.32 17.34
C PRO A 301 -12.57 33.27 17.13
N ASN A 302 -11.80 33.52 18.18
CA ASN A 302 -10.34 33.36 18.08
C ASN A 302 -9.87 32.02 18.70
N VAL A 303 -10.81 31.10 18.95
CA VAL A 303 -10.52 29.80 19.51
C VAL A 303 -10.93 28.66 18.59
N PHE A 304 -9.95 27.83 18.21
CA PHE A 304 -10.13 26.65 17.41
C PHE A 304 -9.94 25.42 18.29
N ALA A 305 -10.53 24.30 17.89
CA ALA A 305 -10.44 23.05 18.63
C ALA A 305 -10.26 21.96 17.57
N THR A 306 -9.17 21.19 17.69
CA THR A 306 -8.76 20.21 16.67
C THR A 306 -8.56 18.83 17.34
N GLY A 307 -8.67 17.76 16.57
CA GLY A 307 -8.44 16.42 17.10
C GLY A 307 -9.54 15.87 17.95
N ASP A 308 -9.25 14.84 18.74
CA ASP A 308 -10.26 14.16 19.53
C ASP A 308 -11.04 15.08 20.47
N ALA A 309 -10.53 16.25 20.80
CA ALA A 309 -11.25 17.19 21.67
C ALA A 309 -12.58 17.60 21.07
N ASN A 310 -12.67 17.61 19.75
CA ASN A 310 -13.93 17.93 19.07
C ASN A 310 -14.84 16.75 18.74
N GLY A 311 -14.29 15.53 18.79
CA GLY A 311 -15.02 14.29 18.50
C GLY A 311 -15.56 14.03 17.09
N LEU A 312 -15.27 14.90 16.11
CA LEU A 312 -15.80 14.77 14.77
C LEU A 312 -15.22 13.59 14.01
N ALA A 313 -13.95 13.26 14.24
CA ALA A 313 -13.35 12.05 13.66
C ALA A 313 -12.08 11.59 14.41
N PRO A 314 -12.25 10.85 15.49
CA PRO A 314 -11.16 10.62 16.44
C PRO A 314 -9.99 9.71 15.97
N TYR A 315 -9.40 10.00 14.82
CA TYR A 315 -8.28 9.21 14.31
C TYR A 315 -7.13 10.16 14.10
N TYR A 316 -5.91 9.69 14.28
CA TYR A 316 -4.74 10.55 14.24
C TYR A 316 -4.58 11.36 12.92
N HIS A 317 -4.74 10.70 11.78
CA HIS A 317 -4.58 11.38 10.50
C HIS A 317 -5.60 12.46 10.29
N ALA A 318 -6.82 12.29 10.85
CA ALA A 318 -7.80 13.37 10.80
C ALA A 318 -7.38 14.56 11.67
N ALA A 319 -6.89 14.26 12.86
CA ALA A 319 -6.46 15.28 13.82
C ALA A 319 -5.35 16.15 13.20
N VAL A 320 -4.46 15.52 12.47
CA VAL A 320 -3.40 16.26 11.76
C VAL A 320 -3.98 17.18 10.72
N ARG A 321 -4.86 16.64 9.89
CA ARG A 321 -5.55 17.45 8.92
C ARG A 321 -6.28 18.63 9.56
N MET A 322 -6.96 18.42 10.68
CA MET A 322 -7.70 19.46 11.39
C MET A 322 -6.74 20.56 11.91
N SER A 323 -5.56 20.13 12.37
CA SER A 323 -4.54 21.01 12.90
C SER A 323 -4.07 22.03 11.89
N ILE A 324 -3.80 21.55 10.69
CA ILE A 324 -3.30 22.37 9.54
C ILE A 324 -4.44 23.34 9.12
N ALA A 325 -5.65 22.84 9.05
CA ALA A 325 -6.77 23.72 8.75
C ALA A 325 -6.90 24.84 9.82
N ALA A 326 -6.77 24.53 11.12
CA ALA A 326 -6.76 25.59 12.14
C ALA A 326 -5.63 26.59 11.86
N ALA A 327 -4.40 26.10 11.67
CA ALA A 327 -3.26 26.98 11.34
C ALA A 327 -3.55 27.89 10.13
N ASN A 328 -4.08 27.35 9.05
CA ASN A 328 -4.43 28.18 7.90
C ASN A 328 -5.43 29.22 8.26
N ASN A 329 -6.50 28.83 8.92
CA ASN A 329 -7.52 29.82 9.22
C ASN A 329 -7.01 30.94 10.15
N ILE A 330 -6.10 30.59 11.05
CA ILE A 330 -5.54 31.58 11.95
C ILE A 330 -4.69 32.58 11.17
N MET A 331 -3.90 32.08 10.23
CA MET A 331 -3.05 32.93 9.42
C MET A 331 -3.91 33.91 8.61
N ALA A 332 -4.98 33.40 8.00
CA ALA A 332 -5.95 34.24 7.30
C ALA A 332 -6.81 35.07 8.25
N ASN A 333 -6.39 35.13 9.52
CA ASN A 333 -7.05 35.93 10.54
C ASN A 333 -8.50 35.58 10.77
N GLY A 334 -8.84 34.31 10.65
CA GLY A 334 -10.20 33.84 10.94
C GLY A 334 -11.13 33.84 9.75
N MET A 335 -10.75 34.45 8.63
CA MET A 335 -11.48 34.20 7.42
C MET A 335 -11.40 32.69 7.18
N PRO A 336 -12.50 32.06 6.77
CA PRO A 336 -12.53 30.64 6.51
C PRO A 336 -11.86 30.24 5.20
N VAL A 337 -10.54 30.10 5.22
CA VAL A 337 -9.78 29.80 4.01
C VAL A 337 -9.53 28.30 3.82
N ASP A 338 -9.74 27.48 4.84
CA ASP A 338 -9.54 26.01 4.76
C ASP A 338 -10.63 25.31 5.54
N TYR A 339 -10.98 24.08 5.13
CA TYR A 339 -12.11 23.33 5.68
CA TYR A 339 -12.01 23.32 5.84
C TYR A 339 -11.73 21.84 5.71
N VAL A 340 -12.29 21.08 6.64
CA VAL A 340 -12.04 19.66 6.67
C VAL A 340 -13.29 18.89 6.26
N ASP A 341 -13.08 17.91 5.39
CA ASP A 341 -14.12 17.02 4.87
C ASP A 341 -13.95 15.65 5.53
N VAL A 342 -14.68 15.42 6.59
CA VAL A 342 -14.55 14.20 7.38
C VAL A 342 -15.00 12.91 6.64
N LYS A 343 -16.02 12.99 5.78
CA LYS A 343 -16.50 11.85 4.94
C LYS A 343 -15.35 11.18 4.19
N SER A 344 -14.52 12.02 3.60
CA SER A 344 -13.45 11.52 2.74
C SER A 344 -12.19 11.10 3.49
N ILE A 345 -12.25 11.00 4.80
CA ILE A 345 -11.09 10.50 5.57
C ILE A 345 -11.16 8.99 5.80
N PRO A 346 -10.15 8.23 5.37
CA PRO A 346 -10.21 6.80 5.54
C PRO A 346 -10.06 6.38 6.97
N VAL A 347 -10.68 5.27 7.30
CA VAL A 347 -10.57 4.66 8.59
C VAL A 347 -10.17 3.21 8.49
N THR A 348 -9.25 2.79 9.35
CA THR A 348 -8.86 1.38 9.43
C THR A 348 -9.05 0.87 10.87
N ILE A 349 -9.66 -0.29 10.99
CA ILE A 349 -9.74 -1.03 12.20
C ILE A 349 -8.75 -2.18 12.04
N TYR A 350 -7.81 -2.21 12.97
CA TYR A 350 -6.58 -2.95 12.84
C TYR A 350 -6.67 -4.33 13.47
N THR A 351 -7.78 -5.00 13.24
CA THR A 351 -7.88 -6.43 13.45
C THR A 351 -7.04 -7.16 12.41
N ILE A 352 -6.97 -8.48 12.49
CA ILE A 352 -6.30 -9.29 11.48
C ILE A 352 -7.27 -10.35 10.97
N PRO A 353 -7.74 -10.18 9.73
CA PRO A 353 -7.44 -9.06 8.87
C PRO A 353 -8.08 -7.76 9.33
N SER A 354 -7.57 -6.67 8.77
CA SER A 354 -8.08 -5.33 9.07
C SER A 354 -9.25 -4.99 8.16
N LEU A 355 -10.09 -4.08 8.65
CA LEU A 355 -11.19 -3.49 7.90
C LEU A 355 -10.82 -2.02 7.71
N SER A 356 -10.90 -1.54 6.46
CA SER A 356 -10.76 -0.15 6.13
C SER A 356 -11.98 0.33 5.39
N TYR A 357 -12.34 1.61 5.55
CA TYR A 357 -13.44 2.18 4.82
C TYR A 357 -13.32 3.70 4.69
N VAL A 358 -14.08 4.25 3.77
CA VAL A 358 -14.05 5.66 3.49
C VAL A 358 -15.32 6.06 2.75
N GLY A 359 -15.73 7.29 2.96
CA GLY A 359 -16.86 7.83 2.24
C GLY A 359 -18.24 7.39 2.68
N ILE A 360 -19.17 7.32 1.72
CA ILE A 360 -20.55 7.02 1.99
C ILE A 360 -20.75 5.52 1.81
N LEU A 361 -21.23 4.86 2.86
CA LEU A 361 -21.48 3.42 2.78
C LEU A 361 -22.98 3.13 2.57
N PRO A 362 -23.30 1.89 2.18
CA PRO A 362 -24.65 1.65 1.66
C PRO A 362 -25.78 2.06 2.60
N SER A 363 -25.58 1.98 3.90
CA SER A 363 -26.67 2.30 4.81
C SER A 363 -26.93 3.80 4.89
N LYS A 364 -25.89 4.60 5.01
CA LYS A 364 -26.05 6.05 4.93
C LYS A 364 -26.60 6.45 3.55
N ALA A 365 -26.15 5.79 2.49
CA ALA A 365 -26.69 6.05 1.15
C ALA A 365 -28.22 5.84 1.09
N ARG A 366 -28.69 4.75 1.67
CA ARG A 366 -30.11 4.44 1.77
C ARG A 366 -30.87 5.58 2.45
N LYS A 367 -30.33 6.07 3.55
CA LYS A 367 -30.99 7.14 4.29
C LYS A 367 -31.00 8.47 3.56
N MET A 368 -29.98 8.76 2.73
CA MET A 368 -29.91 9.99 1.94
C MET A 368 -30.72 9.84 0.62
N GLY A 369 -31.18 8.65 0.32
CA GLY A 369 -31.91 8.41 -0.93
C GLY A 369 -31.04 8.32 -2.18
N ILE A 370 -29.73 8.28 -1.99
CA ILE A 370 -28.82 8.01 -3.08
C ILE A 370 -28.93 6.57 -3.53
N GLU A 371 -29.24 6.38 -4.80
CA GLU A 371 -29.24 5.08 -5.44
C GLU A 371 -27.82 4.67 -5.78
N ILE A 372 -27.47 3.44 -5.49
CA ILE A 372 -26.11 2.99 -5.67
C ILE A 372 -25.98 1.70 -6.44
N VAL A 373 -24.76 1.41 -6.88
CA VAL A 373 -24.38 0.11 -7.38
C VAL A 373 -23.04 -0.35 -6.74
N GLU A 374 -22.99 -1.60 -6.28
CA GLU A 374 -21.82 -2.14 -5.60
C GLU A 374 -21.00 -3.05 -6.51
N ALA A 375 -19.68 -2.93 -6.43
CA ALA A 375 -18.81 -3.90 -7.10
C ALA A 375 -17.97 -4.61 -6.05
N GLU A 376 -17.67 -5.87 -6.35
CA GLU A 376 -17.19 -6.79 -5.35
C GLU A 376 -16.02 -7.57 -5.89
N TYR A 377 -15.00 -7.71 -5.05
CA TYR A 377 -13.87 -8.59 -5.34
C TYR A 377 -13.60 -9.49 -4.15
N ASN A 378 -13.23 -10.71 -4.47
CA ASN A 378 -13.02 -11.71 -3.46
C ASN A 378 -11.51 -11.88 -3.23
N MET A 379 -11.02 -11.63 -2.02
CA MET A 379 -9.58 -11.59 -1.77
C MET A 379 -8.79 -12.91 -1.93
N GLU A 380 -9.47 -14.05 -2.07
CA GLU A 380 -8.81 -15.33 -2.30
C GLU A 380 -8.00 -15.31 -3.60
N GLU A 381 -8.38 -14.42 -4.50
CA GLU A 381 -7.86 -14.37 -5.85
C GLU A 381 -6.67 -13.37 -6.04
N ASP A 382 -6.33 -12.60 -5.01
CA ASP A 382 -5.19 -11.66 -5.09
C ASP A 382 -3.82 -12.29 -4.73
N VAL A 383 -2.79 -11.87 -5.45
CA VAL A 383 -1.48 -12.49 -5.38
C VAL A 383 -0.90 -12.56 -3.94
N SER A 384 -0.76 -11.41 -3.30
CA SER A 384 -0.16 -11.30 -1.96
C SER A 384 -0.96 -12.07 -0.92
N ALA A 385 -2.28 -12.01 -1.01
CA ALA A 385 -3.11 -12.87 -0.18
C ALA A 385 -2.68 -14.34 -0.29
N GLN A 386 -2.37 -14.76 -1.52
CA GLN A 386 -2.08 -16.16 -1.81
C GLN A 386 -0.69 -16.52 -1.29
N ILE A 387 0.26 -15.62 -1.45
CA ILE A 387 1.62 -15.85 -1.01
C ILE A 387 1.67 -16.09 0.48
N TYR A 388 0.98 -15.19 1.19
CA TYR A 388 0.99 -15.21 2.64
C TYR A 388 -0.02 -16.15 3.27
N GLY A 389 -0.89 -16.77 2.49
CA GLY A 389 -1.88 -17.68 3.06
C GLY A 389 -2.98 -16.95 3.85
N GLN A 390 -3.27 -15.70 3.50
CA GLN A 390 -4.27 -14.94 4.24
C GLN A 390 -5.34 -14.58 3.27
N LYS A 391 -6.22 -15.52 2.99
CA LYS A 391 -7.11 -15.41 1.84
C LYS A 391 -8.54 -14.90 2.17
N GLU A 392 -8.82 -14.58 3.42
CA GLU A 392 -10.17 -14.15 3.77
C GLU A 392 -10.42 -12.67 3.41
N GLY A 393 -11.64 -12.35 3.00
CA GLY A 393 -12.09 -10.97 2.88
C GLY A 393 -12.64 -10.57 1.53
N VAL A 394 -13.07 -9.32 1.46
CA VAL A 394 -13.67 -8.71 0.27
C VAL A 394 -13.31 -7.24 0.10
N LEU A 395 -13.33 -6.75 -1.14
CA LEU A 395 -13.35 -5.32 -1.45
C LEU A 395 -14.71 -4.99 -2.01
N LYS A 396 -15.31 -3.89 -1.58
CA LYS A 396 -16.59 -3.41 -2.10
C LYS A 396 -16.48 -1.93 -2.48
N LEU A 397 -16.71 -1.62 -3.76
CA LEU A 397 -16.71 -0.24 -4.23
C LEU A 397 -18.13 0.24 -4.33
N ILE A 398 -18.41 1.45 -3.84
CA ILE A 398 -19.78 2.01 -3.81
C ILE A 398 -19.87 3.18 -4.80
N PHE A 399 -20.66 3.01 -5.86
CA PHE A 399 -20.81 4.01 -6.90
C PHE A 399 -22.21 4.62 -6.87
N GLU A 400 -22.32 5.91 -7.12
CA GLU A 400 -23.64 6.50 -7.28
C GLU A 400 -24.18 6.17 -8.66
N ARG A 401 -25.46 5.77 -8.79
CA ARG A 401 -26.06 5.53 -10.11
CA ARG A 401 -26.00 5.52 -10.13
C ARG A 401 -26.19 6.84 -10.87
N GLY A 402 -25.92 6.81 -12.17
CA GLY A 402 -25.95 8.03 -12.99
C GLY A 402 -24.56 8.55 -13.30
N SER A 403 -23.94 9.21 -12.34
CA SER A 403 -22.58 9.70 -12.51
C SER A 403 -21.57 8.54 -12.48
N MET A 404 -21.96 7.47 -11.79
CA MET A 404 -21.01 6.40 -11.39
C MET A 404 -19.73 6.94 -10.65
N ARG A 405 -19.93 8.03 -9.93
CA ARG A 405 -18.95 8.53 -9.04
C ARG A 405 -18.71 7.46 -7.97
N LEU A 406 -17.45 7.17 -7.66
CA LEU A 406 -17.13 6.40 -6.43
C LEU A 406 -17.42 7.26 -5.20
N ILE A 407 -18.48 6.97 -4.47
CA ILE A 407 -18.82 7.76 -3.32
C ILE A 407 -18.40 7.13 -2.02
N GLY A 408 -17.97 5.88 -2.08
CA GLY A 408 -17.54 5.11 -0.92
C GLY A 408 -16.85 3.81 -1.27
N ALA A 409 -16.21 3.21 -0.30
CA ALA A 409 -15.56 1.94 -0.47
C ALA A 409 -15.21 1.33 0.89
N TRP A 410 -15.24 0.00 0.97
CA TRP A 410 -14.73 -0.70 2.12
C TRP A 410 -14.09 -2.00 1.79
N MET A 411 -13.21 -2.47 2.69
CA MET A 411 -12.35 -3.61 2.36
C MET A 411 -11.92 -4.33 3.62
N ILE A 412 -12.11 -5.64 3.65
CA ILE A 412 -11.55 -6.47 4.70
C ILE A 412 -10.51 -7.29 4.00
N GLY A 413 -9.27 -7.21 4.46
CA GLY A 413 -8.23 -8.11 4.01
C GLY A 413 -6.86 -7.54 4.12
N VAL A 414 -5.90 -8.29 3.63
CA VAL A 414 -4.52 -7.90 3.60
C VAL A 414 -4.32 -6.61 2.82
N HIS A 415 -3.50 -5.74 3.38
CA HIS A 415 -3.15 -4.43 2.82
C HIS A 415 -4.31 -3.45 2.66
N SER A 416 -5.43 -3.64 3.36
CA SER A 416 -6.54 -2.70 3.21
C SER A 416 -6.12 -1.28 3.63
N GLN A 417 -5.21 -1.15 4.58
CA GLN A 417 -4.76 0.16 4.95
C GLN A 417 -4.07 0.89 3.81
N TYR A 418 -3.50 0.20 2.82
CA TYR A 418 -2.80 0.90 1.71
C TYR A 418 -3.79 1.19 0.64
N LEU A 419 -4.59 0.19 0.31
CA LEU A 419 -5.61 0.35 -0.71
C LEU A 419 -6.63 1.43 -0.37
N ILE A 420 -7.03 1.55 0.90
CA ILE A 420 -8.03 2.53 1.30
C ILE A 420 -7.63 3.98 0.95
N ASN A 421 -6.34 4.25 0.80
CA ASN A 421 -5.86 5.61 0.53
C ASN A 421 -6.02 5.96 -0.93
N GLU A 422 -5.66 5.01 -1.78
CA GLU A 422 -5.94 5.14 -3.20
C GLU A 422 -7.41 5.42 -3.39
N LEU A 423 -8.26 4.62 -2.76
CA LEU A 423 -9.72 4.74 -2.91
C LEU A 423 -10.22 6.04 -2.24
N GLY A 424 -9.65 6.41 -1.10
CA GLY A 424 -10.03 7.68 -0.45
C GLY A 424 -9.73 8.87 -1.34
N LEU A 425 -8.64 8.80 -2.08
CA LEU A 425 -8.32 9.88 -3.01
C LEU A 425 -9.37 9.98 -4.08
N ALA A 426 -9.81 8.84 -4.62
CA ALA A 426 -10.84 8.85 -5.65
C ALA A 426 -12.11 9.45 -5.07
N VAL A 427 -12.43 9.07 -3.83
CA VAL A 427 -13.62 9.52 -3.21
C VAL A 427 -13.58 11.01 -2.96
N ALA A 428 -12.47 11.51 -2.44
CA ALA A 428 -12.30 12.94 -2.12
C ALA A 428 -12.42 13.88 -3.33
N TYR A 429 -11.99 13.42 -4.50
CA TYR A 429 -12.08 14.29 -5.67
C TYR A 429 -12.98 13.62 -6.74
N GLY A 430 -13.85 12.74 -6.27
CA GLY A 430 -14.97 12.28 -7.10
C GLY A 430 -14.65 11.63 -8.43
N LEU A 431 -13.63 10.77 -8.49
CA LEU A 431 -13.41 9.96 -9.68
C LEU A 431 -14.58 8.98 -9.91
N ASN A 432 -14.71 8.51 -11.16
CA ASN A 432 -15.83 7.62 -11.52
C ASN A 432 -15.31 6.24 -11.93
N ALA A 433 -16.22 5.29 -12.10
CA ALA A 433 -15.82 3.92 -12.42
C ALA A 433 -14.85 3.88 -13.60
N LYS A 434 -15.12 4.70 -14.61
CA LYS A 434 -14.32 4.74 -15.84
C LYS A 434 -12.88 5.14 -15.62
N GLN A 435 -12.70 6.18 -14.85
CA GLN A 435 -11.39 6.63 -14.44
C GLN A 435 -10.62 5.56 -13.65
N LEU A 436 -11.33 4.84 -12.78
CA LEU A 436 -10.76 3.71 -12.01
C LEU A 436 -10.40 2.51 -12.89
N ALA A 437 -11.30 2.17 -13.79
CA ALA A 437 -11.05 1.14 -14.83
C ALA A 437 -9.82 1.50 -15.69
N SER A 438 -9.74 2.75 -16.18
CA SER A 438 -8.64 3.15 -17.08
C SER A 438 -7.28 3.26 -16.42
N PHE A 439 -7.26 3.36 -15.09
CA PHE A 439 -5.99 3.43 -14.38
C PHE A 439 -5.41 2.00 -14.28
N ALA A 440 -4.09 1.87 -14.30
CA ALA A 440 -3.39 0.57 -14.33
C ALA A 440 -2.42 0.48 -13.17
N GLU A 441 -2.91 -0.01 -12.05
CA GLU A 441 -2.09 -0.19 -10.86
C GLU A 441 -0.97 -1.23 -11.04
N GLN A 442 0.14 -0.92 -10.39
CA GLN A 442 1.33 -1.78 -10.35
C GLN A 442 1.04 -3.26 -10.09
N HIS A 443 1.43 -4.07 -11.04
CA HIS A 443 1.40 -5.53 -10.90
C HIS A 443 2.71 -6.00 -10.30
N PRO A 444 2.67 -6.93 -9.32
CA PRO A 444 1.55 -7.67 -8.75
C PRO A 444 1.04 -7.16 -7.40
N SER A 445 1.07 -5.87 -7.13
CA SER A 445 0.58 -5.34 -5.83
C SER A 445 -0.92 -5.52 -5.70
N THR A 446 -1.39 -5.49 -4.46
CA THR A 446 -2.79 -5.75 -4.14
C THR A 446 -3.69 -4.64 -4.69
N ASN A 447 -3.18 -3.42 -4.84
CA ASN A 447 -3.92 -2.33 -5.48
C ASN A 447 -4.42 -2.70 -6.88
N GLU A 448 -3.82 -3.70 -7.53
CA GLU A 448 -4.35 -4.11 -8.83
C GLU A 448 -5.82 -4.61 -8.79
N ILE A 449 -6.32 -5.07 -7.65
CA ILE A 449 -7.73 -5.48 -7.57
C ILE A 449 -8.74 -4.31 -7.70
N ILE A 450 -8.32 -3.06 -7.50
CA ILE A 450 -9.21 -1.90 -7.64
C ILE A 450 -9.61 -1.63 -9.13
N SER A 451 -8.65 -1.36 -10.03
CA SER A 451 -9.00 -1.19 -11.47
C SER A 451 -9.71 -2.44 -11.98
N TYR A 452 -9.19 -3.61 -11.61
CA TYR A 452 -9.88 -4.86 -11.87
C TYR A 452 -11.37 -4.85 -11.45
N THR A 453 -11.67 -4.47 -10.20
CA THR A 453 -13.06 -4.42 -9.72
C THR A 453 -13.89 -3.37 -10.47
N ALA A 454 -13.26 -2.25 -10.82
CA ALA A 454 -13.94 -1.19 -11.58
C ALA A 454 -14.24 -1.67 -13.02
N ARG A 455 -13.34 -2.43 -13.63
CA ARG A 455 -13.57 -3.01 -14.97
C ARG A 455 -14.81 -3.93 -14.97
N LYS A 456 -15.01 -4.63 -13.84
CA LYS A 456 -16.14 -5.54 -13.63
C LYS A 456 -17.48 -4.84 -13.76
N VAL A 457 -17.64 -3.72 -13.06
CA VAL A 457 -18.97 -3.07 -12.99
C VAL A 457 -19.55 -2.70 -14.33
N ILE A 458 -18.65 -2.34 -15.25
CA ILE A 458 -19.00 -1.91 -16.61
C ILE A 458 -19.38 -3.13 -17.38
N GLU A 459 -18.47 -4.09 -17.51
CA GLU A 459 -18.85 -5.45 -17.90
C GLU A 459 -19.95 -5.91 -16.92
N SER B 2 -14.63 -21.86 -43.80
CA SER B 2 -13.85 -21.92 -42.53
C SER B 2 -14.79 -21.69 -41.35
N LEU B 3 -14.32 -22.11 -40.17
CA LEU B 3 -14.87 -21.65 -38.87
C LEU B 3 -14.76 -20.11 -38.80
N LYS B 4 -15.85 -19.42 -38.49
CA LYS B 4 -15.88 -17.95 -38.42
C LYS B 4 -15.89 -17.44 -36.96
N TYR B 5 -15.01 -16.49 -36.69
CA TYR B 5 -14.90 -15.89 -35.37
C TYR B 5 -14.99 -14.40 -35.51
N ASP B 6 -15.36 -13.72 -34.44
CA ASP B 6 -15.32 -12.29 -34.40
C ASP B 6 -13.87 -11.81 -34.16
N VAL B 7 -13.19 -12.38 -33.17
CA VAL B 7 -11.82 -12.00 -32.87
C VAL B 7 -10.96 -13.21 -32.66
N VAL B 8 -9.70 -13.13 -33.06
CA VAL B 8 -8.70 -14.14 -32.75
C VAL B 8 -7.64 -13.45 -31.91
N VAL B 9 -7.33 -14.04 -30.74
CA VAL B 9 -6.35 -13.48 -29.84
C VAL B 9 -5.17 -14.42 -29.81
N ILE B 10 -4.01 -13.95 -30.24
CA ILE B 10 -2.82 -14.75 -30.29
C ILE B 10 -1.92 -14.46 -29.07
N GLY B 11 -1.86 -15.43 -28.17
CA GLY B 11 -1.19 -15.26 -26.89
C GLY B 11 -2.22 -15.16 -25.78
N ALA B 12 -1.99 -15.87 -24.67
CA ALA B 12 -2.88 -15.90 -23.57
C ALA B 12 -2.22 -15.33 -22.31
N GLY B 13 -1.24 -14.45 -22.46
CA GLY B 13 -0.81 -13.66 -21.30
C GLY B 13 -1.80 -12.52 -20.99
N GLY B 14 -1.44 -11.66 -20.05
CA GLY B 14 -2.32 -10.54 -19.76
C GLY B 14 -2.66 -9.68 -20.96
N ALA B 15 -1.72 -9.53 -21.86
CA ALA B 15 -1.97 -8.75 -23.06
C ALA B 15 -3.13 -9.35 -23.90
N GLY B 16 -3.47 -10.62 -23.66
CA GLY B 16 -4.44 -11.37 -24.44
C GLY B 16 -5.73 -11.67 -23.74
N TYR B 17 -5.66 -12.34 -22.60
CA TYR B 17 -6.85 -12.90 -22.03
C TYR B 17 -7.82 -11.89 -21.37
N HIS B 18 -7.33 -10.77 -20.85
CA HIS B 18 -8.27 -9.79 -20.25
C HIS B 18 -9.19 -9.19 -21.30
N GLY B 19 -8.65 -8.83 -22.46
CA GLY B 19 -9.45 -8.44 -23.56
C GLY B 19 -10.37 -9.54 -24.12
N ALA B 20 -9.80 -10.74 -24.29
CA ALA B 20 -10.64 -11.90 -24.74
C ALA B 20 -11.85 -12.05 -23.81
N PHE B 21 -11.60 -11.98 -22.51
CA PHE B 21 -12.62 -12.14 -21.51
C PHE B 21 -13.69 -11.10 -21.71
N ARG B 22 -13.28 -9.87 -22.01
CA ARG B 22 -14.25 -8.80 -22.09
C ARG B 22 -15.09 -8.97 -23.39
N LEU B 23 -14.43 -9.28 -24.49
CA LEU B 23 -15.13 -9.58 -25.71
C LEU B 23 -16.11 -10.77 -25.59
N ALA B 24 -15.68 -11.84 -24.89
CA ALA B 24 -16.52 -12.99 -24.61
C ALA B 24 -17.68 -12.62 -23.70
N LYS B 25 -17.44 -11.75 -22.74
CA LYS B 25 -18.52 -11.35 -21.86
C LYS B 25 -19.64 -10.68 -22.64
N ALA B 26 -19.29 -9.94 -23.66
CA ALA B 26 -20.29 -9.34 -24.56
C ALA B 26 -20.77 -10.33 -25.67
N LYS B 27 -20.37 -11.59 -25.58
CA LYS B 27 -20.92 -12.63 -26.44
C LYS B 27 -20.27 -12.65 -27.82
N TYR B 28 -19.13 -12.00 -27.98
CA TYR B 28 -18.41 -12.12 -29.21
C TYR B 28 -17.87 -13.53 -29.24
N ASN B 29 -17.65 -14.05 -30.46
CA ASN B 29 -17.08 -15.37 -30.61
C ASN B 29 -15.61 -15.15 -30.71
N VAL B 30 -14.85 -15.68 -29.77
CA VAL B 30 -13.44 -15.41 -29.71
C VAL B 30 -12.69 -16.70 -29.69
N LEU B 31 -11.57 -16.71 -30.39
CA LEU B 31 -10.62 -17.80 -30.44
C LEU B 31 -9.27 -17.38 -29.90
N MET B 32 -8.74 -18.05 -28.87
CA MET B 32 -7.42 -17.71 -28.30
C MET B 32 -6.50 -18.94 -28.36
N ALA B 33 -5.20 -18.76 -28.63
CA ALA B 33 -4.27 -19.87 -28.59
C ALA B 33 -3.00 -19.45 -27.93
N ASP B 34 -2.35 -20.36 -27.21
CA ASP B 34 -1.02 -20.15 -26.63
C ASP B 34 -0.37 -21.53 -26.43
N PRO B 35 0.91 -21.66 -26.77
CA PRO B 35 1.53 -22.98 -26.75
C PRO B 35 1.66 -23.60 -25.37
N LYS B 36 1.67 -22.76 -24.34
CA LYS B 36 1.74 -23.27 -22.98
C LYS B 36 0.44 -23.99 -22.63
N GLY B 37 -0.66 -23.60 -23.26
CA GLY B 37 -1.97 -24.17 -22.90
C GLY B 37 -2.40 -23.79 -21.48
N GLU B 38 -1.97 -22.60 -21.06
CA GLU B 38 -2.38 -21.98 -19.81
C GLU B 38 -2.47 -20.48 -20.05
N LEU B 39 -3.20 -19.80 -19.18
CA LEU B 39 -3.23 -18.37 -19.16
C LEU B 39 -2.14 -17.85 -18.26
N GLY B 40 -1.75 -16.59 -18.46
CA GLY B 40 -0.78 -15.89 -17.62
C GLY B 40 0.50 -15.52 -18.34
N GLY B 41 0.73 -16.14 -19.49
CA GLY B 41 1.94 -15.90 -20.25
C GLY B 41 3.25 -16.22 -19.51
N ASN B 42 4.33 -15.65 -20.03
CA ASN B 42 5.64 -15.74 -19.43
C ASN B 42 5.69 -15.01 -18.08
N CYS B 43 4.87 -13.99 -17.91
CA CYS B 43 4.88 -13.26 -16.66
C CYS B 43 4.58 -14.22 -15.50
N LEU B 44 3.53 -15.00 -15.64
CA LEU B 44 3.16 -16.01 -14.66
C LEU B 44 4.15 -17.20 -14.62
N TYR B 45 4.56 -17.67 -15.80
CA TYR B 45 5.39 -18.85 -15.90
C TYR B 45 6.79 -18.59 -15.40
N SER B 46 7.33 -17.40 -15.65
CA SER B 46 8.72 -17.13 -15.30
C SER B 46 9.11 -15.70 -14.95
N GLY B 47 8.13 -14.79 -14.82
CA GLY B 47 8.38 -13.36 -14.60
C GLY B 47 7.87 -12.87 -13.24
N CYS B 48 6.86 -12.00 -13.26
CA CYS B 48 6.51 -11.19 -12.09
C CYS B 48 5.93 -11.92 -10.90
N VAL B 49 4.99 -12.81 -11.14
CA VAL B 49 4.41 -13.52 -10.02
C VAL B 49 5.46 -14.36 -9.28
N PRO B 50 6.24 -15.16 -10.00
CA PRO B 50 7.17 -16.00 -9.23
C PRO B 50 8.30 -15.21 -8.59
N SER B 51 8.82 -14.23 -9.31
CA SER B 51 9.89 -13.41 -8.74
C SER B 51 9.42 -12.61 -7.55
N LYS B 52 8.24 -12.00 -7.61
CA LYS B 52 7.76 -11.27 -6.44
C LYS B 52 7.40 -12.20 -5.28
N THR B 53 6.88 -13.37 -5.57
CA THR B 53 6.69 -14.37 -4.50
C THR B 53 8.00 -14.70 -3.77
N VAL B 54 9.07 -14.93 -4.50
CA VAL B 54 10.37 -15.21 -3.89
C VAL B 54 10.81 -14.00 -3.07
N ARG B 55 10.66 -12.83 -3.68
CA ARG B 55 10.99 -11.58 -3.05
C ARG B 55 10.21 -11.40 -1.75
N GLU B 56 8.91 -11.65 -1.75
CA GLU B 56 8.14 -11.39 -0.53
C GLU B 56 8.52 -12.37 0.56
N VAL B 57 8.68 -13.62 0.21
CA VAL B 57 9.06 -14.63 1.19
C VAL B 57 10.39 -14.32 1.83
N ILE B 58 11.42 -14.01 1.04
CA ILE B 58 12.71 -13.82 1.63
C ILE B 58 12.78 -12.47 2.37
N GLN B 59 12.04 -11.45 1.94
CA GLN B 59 12.02 -10.22 2.70
C GLN B 59 11.27 -10.34 4.03
N THR B 60 10.27 -11.21 4.09
CA THR B 60 9.61 -11.49 5.35
C THR B 60 10.59 -12.21 6.30
N ALA B 61 11.37 -13.14 5.79
CA ALA B 61 12.35 -13.83 6.63
C ALA B 61 13.32 -12.80 7.20
N TRP B 62 13.78 -11.93 6.33
CA TRP B 62 14.74 -10.93 6.72
C TRP B 62 14.16 -9.87 7.67
N ARG B 63 12.93 -9.45 7.46
CA ARG B 63 12.33 -8.51 8.40
C ARG B 63 12.30 -9.04 9.82
N LEU B 64 11.82 -10.26 9.93
CA LEU B 64 11.77 -10.91 11.22
C LEU B 64 13.16 -11.06 11.81
N THR B 65 14.16 -11.35 10.97
CA THR B 65 15.53 -11.49 11.44
C THR B 65 15.99 -10.21 12.10
N ASN B 66 15.61 -9.09 11.49
CA ASN B 66 16.01 -7.76 11.94
C ASN B 66 15.31 -7.32 13.24
N ILE B 67 14.14 -7.90 13.51
CA ILE B 67 13.32 -7.51 14.66
C ILE B 67 13.55 -8.38 15.91
N ALA B 68 13.79 -9.69 15.72
CA ALA B 68 14.23 -10.60 16.78
C ALA B 68 15.77 -10.67 16.80
N ILE B 72 16.04 -18.02 12.89
CA ILE B 72 15.17 -18.88 12.09
C ILE B 72 15.76 -19.03 10.69
N PRO B 73 15.84 -20.31 10.17
CA PRO B 73 16.30 -20.65 8.82
C PRO B 73 15.26 -21.36 7.92
N LEU B 74 15.29 -20.94 6.64
CA LEU B 74 14.41 -21.41 5.59
C LEU B 74 15.37 -21.90 4.53
N ASP B 75 15.18 -23.11 4.02
CA ASP B 75 15.98 -23.56 2.89
C ASP B 75 15.38 -22.94 1.63
N PHE B 76 16.24 -22.66 0.67
CA PHE B 76 15.79 -22.11 -0.59
C PHE B 76 14.76 -23.01 -1.28
N SER B 77 14.85 -24.32 -1.06
CA SER B 77 13.90 -25.23 -1.69
C SER B 77 12.48 -24.99 -1.18
N THR B 78 12.33 -24.58 0.07
CA THR B 78 11.02 -24.25 0.61
C THR B 78 10.42 -22.98 -0.03
N VAL B 79 11.22 -21.95 -0.18
CA VAL B 79 10.88 -20.75 -0.92
C VAL B 79 10.38 -21.12 -2.32
N GLN B 80 11.15 -21.94 -3.01
CA GLN B 80 10.80 -22.34 -4.38
C GLN B 80 9.56 -23.21 -4.39
N ASP B 81 9.30 -23.95 -3.33
CA ASP B 81 8.01 -24.67 -3.19
C ASP B 81 6.84 -23.68 -3.05
N ARG B 82 7.06 -22.58 -2.34
CA ARG B 82 6.07 -21.59 -2.16
C ARG B 82 5.78 -20.89 -3.46
N LYS B 83 6.84 -20.66 -4.25
CA LYS B 83 6.71 -20.02 -5.55
C LYS B 83 5.89 -20.91 -6.44
N ASP B 84 6.19 -22.21 -6.43
CA ASP B 84 5.44 -23.17 -7.25
C ASP B 84 3.96 -23.31 -6.87
N TYR B 85 3.65 -23.26 -5.57
CA TYR B 85 2.25 -23.37 -5.09
C TYR B 85 1.41 -22.19 -5.55
N VAL B 86 1.97 -20.99 -5.49
CA VAL B 86 1.29 -19.84 -5.98
C VAL B 86 1.07 -19.89 -7.50
N GLN B 87 2.08 -20.32 -8.24
CA GLN B 87 1.92 -20.40 -9.70
C GLN B 87 0.80 -21.37 -10.06
N GLU B 88 0.86 -22.53 -9.45
CA GLU B 88 -0.12 -23.57 -9.65
C GLU B 88 -1.55 -23.08 -9.38
N LEU B 89 -1.72 -22.43 -8.26
CA LEU B 89 -3.00 -21.88 -7.86
C LEU B 89 -3.56 -20.87 -8.90
N ARG B 90 -2.68 -20.04 -9.46
CA ARG B 90 -3.12 -19.02 -10.40
C ARG B 90 -3.40 -19.59 -11.76
N PHE B 91 -2.70 -20.65 -12.15
CA PHE B 91 -3.09 -21.35 -13.37
C PHE B 91 -4.49 -21.89 -13.24
N LYS B 92 -4.75 -22.55 -12.12
CA LYS B 92 -6.07 -23.04 -11.84
C LYS B 92 -7.10 -21.91 -11.80
N GLN B 93 -6.72 -20.74 -11.31
CA GLN B 93 -7.67 -19.68 -11.18
C GLN B 93 -8.07 -19.11 -12.55
N HIS B 94 -7.12 -18.98 -13.45
CA HIS B 94 -7.43 -18.45 -14.77
C HIS B 94 -8.27 -19.42 -15.55
N LYS B 95 -7.99 -20.71 -15.44
CA LYS B 95 -8.90 -21.71 -16.07
C LYS B 95 -10.32 -21.66 -15.49
N ARG B 96 -10.46 -21.47 -14.19
CA ARG B 96 -11.76 -21.41 -13.62
C ARG B 96 -12.46 -20.19 -14.23
N ASN B 97 -11.79 -19.06 -14.25
CA ASN B 97 -12.40 -17.87 -14.83
C ASN B 97 -12.76 -18.04 -16.34
N MET B 98 -11.92 -18.71 -17.11
CA MET B 98 -12.15 -18.91 -18.52
C MET B 98 -13.38 -19.76 -18.76
N SER B 99 -13.59 -20.77 -17.91
CA SER B 99 -14.74 -21.65 -18.05
C SER B 99 -16.05 -20.92 -17.92
N GLN B 100 -16.07 -19.68 -17.42
CA GLN B 100 -17.34 -18.95 -17.35
C GLN B 100 -17.87 -18.42 -18.67
N TYR B 101 -17.03 -18.37 -19.72
CA TYR B 101 -17.35 -17.72 -20.99
C TYR B 101 -17.62 -18.71 -22.14
N GLU B 102 -18.88 -19.05 -22.35
CA GLU B 102 -19.34 -20.00 -23.38
C GLU B 102 -18.83 -19.71 -24.80
N THR B 103 -18.65 -18.43 -25.13
CA THR B 103 -18.27 -18.03 -26.48
C THR B 103 -16.77 -17.85 -26.68
N LEU B 104 -15.97 -18.35 -25.74
CA LEU B 104 -14.52 -18.32 -25.85
C LEU B 104 -13.95 -19.73 -26.01
N THR B 105 -13.24 -19.94 -27.13
CA THR B 105 -12.60 -21.19 -27.45
C THR B 105 -11.10 -21.04 -27.33
N PHE B 106 -10.48 -21.90 -26.56
CA PHE B 106 -9.06 -21.82 -26.29
C PHE B 106 -8.35 -23.05 -26.81
N TYR B 107 -7.25 -22.88 -27.54
CA TYR B 107 -6.40 -24.00 -27.98
C TYR B 107 -4.97 -23.92 -27.47
N LYS B 108 -4.40 -25.08 -27.24
CA LYS B 108 -3.00 -25.20 -26.96
C LYS B 108 -2.35 -25.32 -28.33
N GLY B 109 -1.64 -24.28 -28.73
CA GLY B 109 -0.99 -24.23 -30.04
C GLY B 109 -0.45 -22.83 -30.35
N TYR B 110 0.28 -22.75 -31.49
CA TYR B 110 0.78 -21.53 -32.08
C TYR B 110 -0.18 -21.13 -33.14
N VAL B 111 -0.36 -19.83 -33.31
CA VAL B 111 -1.10 -19.27 -34.41
C VAL B 111 -0.11 -18.82 -35.48
N LYS B 112 -0.36 -19.19 -36.76
CA LYS B 112 0.25 -18.53 -37.92
C LYS B 112 -0.79 -17.66 -38.61
N ILE B 113 -0.39 -16.45 -39.02
CA ILE B 113 -1.27 -15.54 -39.75
C ILE B 113 -1.08 -15.78 -41.23
N LYS B 114 -2.21 -15.93 -41.93
CA LYS B 114 -2.21 -16.21 -43.36
C LYS B 114 -2.58 -14.97 -44.14
N ASP B 115 -3.66 -14.32 -43.75
CA ASP B 115 -3.98 -13.01 -44.25
C ASP B 115 -4.67 -12.19 -43.16
N PRO B 116 -4.95 -10.90 -43.42
CA PRO B 116 -5.51 -10.13 -42.31
C PRO B 116 -6.78 -10.71 -41.66
N THR B 117 -7.44 -11.67 -42.31
CA THR B 117 -8.66 -12.27 -41.79
C THR B 117 -8.58 -13.79 -41.70
N HIS B 118 -7.41 -14.39 -41.84
CA HIS B 118 -7.31 -15.84 -41.74
C HIS B 118 -6.07 -16.28 -40.97
N VAL B 119 -6.24 -17.26 -40.09
CA VAL B 119 -5.16 -17.81 -39.30
C VAL B 119 -5.29 -19.29 -39.33
N ILE B 120 -4.17 -19.97 -39.06
CA ILE B 120 -4.27 -21.38 -38.72
C ILE B 120 -3.57 -21.65 -37.39
N VAL B 121 -4.17 -22.50 -36.59
CA VAL B 121 -3.59 -22.88 -35.32
C VAL B 121 -3.00 -24.27 -35.45
N LYS B 122 -1.70 -24.39 -35.16
CA LYS B 122 -0.98 -25.67 -35.18
C LYS B 122 -0.90 -26.29 -33.78
N THR B 123 -1.47 -27.47 -33.57
CA THR B 123 -1.32 -28.16 -32.29
C THR B 123 -0.15 -29.15 -32.34
N ASP B 124 0.22 -29.66 -31.16
CA ASP B 124 1.32 -30.64 -31.04
C ASP B 124 1.01 -31.94 -31.75
N GLU B 125 -0.16 -32.49 -31.41
CA GLU B 125 -0.72 -33.61 -32.16
C GLU B 125 -0.54 -33.42 -33.68
N GLY B 126 -0.31 -32.17 -34.12
CA GLY B 126 -0.04 -31.89 -35.54
C GLY B 126 -1.32 -31.48 -36.26
N LYS B 127 -2.44 -31.49 -35.55
CA LYS B 127 -3.68 -30.98 -36.10
C LYS B 127 -3.43 -29.53 -36.46
N GLU B 128 -4.01 -29.06 -37.56
CA GLU B 128 -3.95 -27.64 -37.93
C GLU B 128 -5.38 -27.18 -38.18
N ILE B 129 -5.87 -26.28 -37.34
CA ILE B 129 -7.22 -25.74 -37.49
C ILE B 129 -7.15 -24.42 -38.22
N GLU B 130 -7.77 -24.34 -39.40
CA GLU B 130 -7.91 -23.08 -40.14
C GLU B 130 -9.02 -22.27 -39.50
N ALA B 131 -8.87 -20.93 -39.44
CA ALA B 131 -9.94 -20.07 -38.94
C ALA B 131 -9.95 -18.70 -39.57
N GLU B 132 -11.15 -18.18 -39.77
CA GLU B 132 -11.39 -16.86 -40.33
C GLU B 132 -11.93 -16.01 -39.18
N THR B 133 -11.61 -14.71 -39.21
CA THR B 133 -11.94 -13.75 -38.14
C THR B 133 -12.17 -12.34 -38.66
N ARG B 134 -12.94 -11.53 -37.94
CA ARG B 134 -13.03 -10.11 -38.24
C ARG B 134 -11.89 -9.29 -37.69
N TYR B 135 -11.45 -9.54 -36.44
CA TYR B 135 -10.35 -8.79 -35.83
C TYR B 135 -9.31 -9.74 -35.25
N MET B 136 -8.05 -9.28 -35.17
CA MET B 136 -7.02 -9.98 -34.41
C MET B 136 -6.44 -9.07 -33.34
N ILE B 137 -6.08 -9.69 -32.23
CA ILE B 137 -5.22 -9.10 -31.24
C ILE B 137 -3.95 -9.91 -31.18
N ILE B 138 -2.84 -9.30 -31.58
CA ILE B 138 -1.54 -9.92 -31.40
C ILE B 138 -1.02 -9.59 -30.02
N ALA B 139 -0.97 -10.60 -29.17
CA ALA B 139 -0.59 -10.43 -27.81
C ALA B 139 0.50 -11.45 -27.51
N SER B 140 1.50 -11.55 -28.38
CA SER B 140 2.43 -12.67 -28.32
C SER B 140 3.71 -12.40 -27.58
N GLY B 141 3.80 -11.26 -26.91
CA GLY B 141 4.81 -11.09 -25.90
C GLY B 141 6.23 -10.99 -26.38
N ALA B 142 7.11 -11.42 -25.52
CA ALA B 142 8.51 -11.16 -25.68
C ALA B 142 9.25 -12.40 -25.18
N GLU B 143 10.56 -12.45 -25.41
CA GLU B 143 11.39 -13.62 -25.14
C GLU B 143 12.79 -13.10 -24.76
N THR B 144 13.54 -13.91 -24.02
CA THR B 144 14.91 -13.59 -23.63
C THR B 144 15.79 -13.35 -24.85
N ALA B 145 16.55 -12.24 -24.85
CA ALA B 145 17.56 -11.98 -25.90
C ALA B 145 18.64 -13.04 -25.84
N LYS B 146 19.20 -13.37 -27.00
CA LYS B 146 20.02 -14.57 -27.18
C LYS B 146 21.44 -14.14 -27.57
N LEU B 147 22.26 -13.73 -26.60
CA LEU B 147 23.66 -13.34 -26.87
C LEU B 147 24.47 -14.56 -27.34
N ARG B 148 25.29 -14.36 -28.37
CA ARG B 148 26.10 -15.43 -28.92
C ARG B 148 27.52 -15.34 -28.37
N LEU B 149 27.85 -16.14 -27.37
CA LEU B 149 29.25 -16.23 -26.98
C LEU B 149 29.57 -17.59 -26.48
N PRO B 150 30.85 -17.97 -26.57
CA PRO B 150 31.28 -19.25 -26.08
C PRO B 150 30.95 -19.35 -24.62
N GLY B 151 30.19 -20.39 -24.26
CA GLY B 151 29.85 -20.70 -22.89
C GLY B 151 28.50 -20.17 -22.45
N VAL B 152 27.72 -19.60 -23.36
CA VAL B 152 26.38 -19.12 -23.04
C VAL B 152 25.55 -20.27 -22.47
N GLU B 153 25.82 -21.47 -22.97
CA GLU B 153 25.15 -22.67 -22.56
C GLU B 153 25.24 -22.92 -21.05
N TYR B 154 26.28 -22.41 -20.41
CA TYR B 154 26.42 -22.60 -18.95
C TYR B 154 25.63 -21.58 -18.12
N CYS B 155 25.15 -20.52 -18.75
CA CYS B 155 24.40 -19.48 -18.06
C CYS B 155 22.99 -19.88 -17.74
N LEU B 156 22.56 -19.53 -16.53
CA LEU B 156 21.15 -19.55 -16.15
C LEU B 156 20.46 -18.27 -16.62
N THR B 157 19.21 -18.35 -16.99
CA THR B 157 18.38 -17.13 -17.20
C THR B 157 17.33 -17.01 -16.09
N SER B 158 16.65 -15.88 -16.01
CA SER B 158 15.57 -15.74 -15.01
C SER B 158 14.49 -16.78 -15.20
N ASP B 159 14.32 -17.26 -16.43
CA ASP B 159 13.46 -18.42 -16.69
C ASP B 159 13.88 -19.68 -15.94
N ASP B 160 15.18 -19.96 -15.96
CA ASP B 160 15.69 -21.13 -15.21
C ASP B 160 15.45 -20.93 -13.72
N ILE B 161 15.55 -19.69 -13.25
CA ILE B 161 15.52 -19.36 -11.83
C ILE B 161 14.12 -19.31 -11.26
N PHE B 162 13.21 -18.73 -12.01
CA PHE B 162 11.87 -18.60 -11.51
C PHE B 162 10.82 -19.45 -12.23
N GLY B 163 11.23 -20.19 -13.24
CA GLY B 163 10.30 -20.99 -14.05
C GLY B 163 9.51 -21.94 -13.17
N TYR B 164 8.27 -22.21 -13.55
CA TYR B 164 7.43 -23.16 -12.81
C TYR B 164 8.10 -24.51 -12.68
N LYS B 165 8.21 -25.02 -11.47
CA LYS B 165 8.79 -26.38 -11.28
C LYS B 165 10.26 -26.44 -11.74
N THR B 166 10.96 -25.32 -11.72
CA THR B 166 12.39 -25.30 -12.03
C THR B 166 13.17 -26.28 -11.17
N SER B 167 14.21 -26.85 -11.78
CA SER B 167 15.19 -27.67 -11.07
C SER B 167 16.19 -26.86 -10.25
N PHE B 168 16.26 -25.53 -10.46
CA PHE B 168 17.16 -24.65 -9.69
C PHE B 168 16.60 -24.51 -8.29
N ARG B 169 17.08 -25.36 -7.39
CA ARG B 169 16.49 -25.52 -6.07
CA ARG B 169 16.49 -25.49 -6.06
C ARG B 169 17.54 -25.43 -4.97
N LYS B 170 18.76 -25.03 -5.32
CA LYS B 170 19.85 -24.89 -4.36
C LYS B 170 20.71 -23.65 -4.72
N LEU B 171 21.07 -22.86 -3.70
CA LEU B 171 21.80 -21.60 -3.87
C LEU B 171 23.31 -21.74 -4.01
N PRO B 172 23.86 -21.17 -5.07
CA PRO B 172 25.31 -21.08 -5.18
C PRO B 172 25.86 -20.15 -4.10
N GLN B 173 27.15 -20.22 -3.80
CA GLN B 173 27.75 -19.33 -2.79
C GLN B 173 28.14 -17.95 -3.37
N ASP B 174 28.56 -17.93 -4.64
CA ASP B 174 28.91 -16.73 -5.38
C ASP B 174 28.20 -16.80 -6.77
N MET B 175 27.77 -15.66 -7.31
CA MET B 175 27.01 -15.63 -8.57
C MET B 175 27.46 -14.42 -9.37
N VAL B 176 27.74 -14.57 -10.65
CA VAL B 176 28.01 -13.40 -11.51
C VAL B 176 26.80 -13.19 -12.43
N ILE B 177 26.34 -11.95 -12.54
CA ILE B 177 25.12 -11.61 -13.29
C ILE B 177 25.50 -10.73 -14.45
N ILE B 178 25.12 -11.16 -15.68
CA ILE B 178 25.50 -10.44 -16.91
C ILE B 178 24.35 -9.56 -17.34
N GLY B 179 24.47 -8.26 -17.08
CA GLY B 179 23.41 -7.26 -17.33
C GLY B 179 23.01 -6.44 -16.07
N ALA B 180 23.02 -5.12 -16.21
CA ALA B 180 22.61 -4.23 -15.14
C ALA B 180 21.23 -3.60 -15.49
N GLY B 181 20.46 -4.28 -16.33
CA GLY B 181 19.06 -3.92 -16.56
C GLY B 181 18.23 -4.32 -15.39
N TYR B 182 16.93 -4.11 -15.45
CA TYR B 182 16.16 -4.28 -14.23
C TYR B 182 16.12 -5.72 -13.75
N ILE B 183 16.15 -6.69 -14.63
CA ILE B 183 16.15 -8.09 -14.20
C ILE B 183 17.48 -8.42 -13.48
N GLY B 184 18.58 -7.98 -14.05
CA GLY B 184 19.87 -8.10 -13.37
C GLY B 184 19.88 -7.50 -11.97
N LEU B 185 19.38 -6.27 -11.81
CA LEU B 185 19.44 -5.64 -10.52
C LEU B 185 18.54 -6.36 -9.53
N GLU B 186 17.37 -6.82 -9.99
CA GLU B 186 16.42 -7.51 -9.09
C GLU B 186 16.99 -8.83 -8.62
N ILE B 187 17.55 -9.60 -9.54
CA ILE B 187 18.13 -10.86 -9.17
C ILE B 187 19.27 -10.66 -8.15
N ALA B 188 20.15 -9.71 -8.42
CA ALA B 188 21.28 -9.44 -7.54
C ALA B 188 20.83 -9.06 -6.14
N SER B 189 19.85 -8.18 -6.07
CA SER B 189 19.28 -7.73 -4.81
C SER B 189 18.64 -8.86 -4.00
N ILE B 190 17.85 -9.72 -4.63
CA ILE B 190 17.15 -10.73 -3.88
C ILE B 190 18.16 -11.75 -3.34
N PHE B 191 19.03 -12.20 -4.23
CA PHE B 191 19.95 -13.26 -3.86
C PHE B 191 21.00 -12.81 -2.85
N ARG B 192 21.42 -11.54 -2.93
CA ARG B 192 22.24 -11.01 -1.89
C ARG B 192 21.57 -11.14 -0.52
N LEU B 193 20.28 -10.93 -0.47
CA LEU B 193 19.59 -11.07 0.79
C LEU B 193 19.45 -12.52 1.24
N MET B 194 19.49 -13.47 0.33
CA MET B 194 19.52 -14.87 0.75
C MET B 194 20.95 -15.34 1.11
N GLY B 195 21.94 -14.44 1.10
CA GLY B 195 23.29 -14.83 1.46
C GLY B 195 24.24 -15.08 0.30
N VAL B 196 23.78 -14.99 -0.94
CA VAL B 196 24.64 -15.15 -2.09
C VAL B 196 25.47 -13.90 -2.33
N GLN B 197 26.76 -14.10 -2.64
CA GLN B 197 27.65 -13.01 -3.03
C GLN B 197 27.48 -12.74 -4.49
N THR B 198 27.10 -11.51 -4.86
CA THR B 198 26.66 -11.25 -6.23
C THR B 198 27.62 -10.31 -6.91
N HIS B 199 27.70 -10.36 -8.22
CA HIS B 199 28.57 -9.44 -8.93
C HIS B 199 27.89 -9.16 -10.26
N ILE B 200 27.84 -7.91 -10.72
CA ILE B 200 27.26 -7.64 -12.00
C ILE B 200 28.32 -7.15 -12.97
N ILE B 201 28.23 -7.59 -14.22
CA ILE B 201 29.09 -7.11 -15.29
C ILE B 201 28.20 -6.65 -16.42
N GLU B 202 28.40 -5.43 -16.87
CA GLU B 202 27.52 -4.82 -17.80
C GLU B 202 28.42 -4.27 -18.88
N MET B 203 28.09 -4.52 -20.14
CA MET B 203 28.94 -4.06 -21.24
C MET B 203 28.83 -2.57 -21.43
N LEU B 204 27.62 -2.03 -21.33
CA LEU B 204 27.37 -0.59 -21.50
C LEU B 204 27.88 0.23 -20.34
N ASP B 205 27.69 1.55 -20.42
CA ASP B 205 28.24 2.49 -19.41
C ASP B 205 27.36 2.77 -18.17
N ARG B 206 26.14 2.24 -18.11
CA ARG B 206 25.24 2.54 -16.99
C ARG B 206 24.18 1.46 -16.72
N ALA B 207 23.46 1.58 -15.62
CA ALA B 207 22.38 0.65 -15.29
C ALA B 207 21.02 1.17 -15.80
N LEU B 208 20.03 0.30 -15.85
CA LEU B 208 18.63 0.68 -16.09
C LEU B 208 18.46 1.71 -17.19
N ILE B 209 18.81 1.34 -18.39
CA ILE B 209 18.71 2.26 -19.52
C ILE B 209 17.23 2.57 -19.85
N THR B 210 16.33 1.64 -19.57
CA THR B 210 14.89 1.91 -19.74
C THR B 210 14.36 3.14 -18.96
N LEU B 211 15.18 3.68 -18.05
CA LEU B 211 14.87 4.84 -17.25
C LEU B 211 15.78 5.93 -17.74
N GLU B 212 15.22 6.98 -18.34
CA GLU B 212 16.08 8.04 -18.86
C GLU B 212 16.83 8.87 -17.80
N ASP B 213 16.31 8.97 -16.57
CA ASP B 213 16.94 9.80 -15.49
C ASP B 213 18.16 9.14 -14.79
N GLN B 214 19.37 9.54 -15.14
CA GLN B 214 20.58 9.03 -14.52
C GLN B 214 20.75 9.40 -13.06
N ASP B 215 20.15 10.52 -12.65
CA ASP B 215 20.24 10.96 -11.25
C ASP B 215 19.47 9.99 -10.35
N ILE B 216 18.40 9.43 -10.91
CA ILE B 216 17.59 8.56 -10.14
C ILE B 216 18.30 7.21 -10.02
N VAL B 217 18.91 6.78 -11.11
CA VAL B 217 19.55 5.48 -11.16
C VAL B 217 20.75 5.55 -10.23
N ASN B 218 21.47 6.67 -10.27
CA ASN B 218 22.61 6.82 -9.37
C ASN B 218 22.19 6.79 -7.93
N THR B 219 21.04 7.33 -7.61
CA THR B 219 20.57 7.33 -6.21
C THR B 219 20.24 5.91 -5.80
N LEU B 220 19.59 5.16 -6.69
CA LEU B 220 19.28 3.77 -6.41
C LEU B 220 20.58 2.96 -6.20
N LEU B 221 21.55 3.09 -7.09
CA LEU B 221 22.79 2.34 -6.97
C LEU B 221 23.55 2.65 -5.69
N SER B 222 23.52 3.92 -5.27
CA SER B 222 24.24 4.36 -4.09
C SER B 222 23.62 3.80 -2.82
N ILE B 223 22.31 3.60 -2.81
CA ILE B 223 21.62 2.90 -1.75
C ILE B 223 21.77 1.38 -1.86
N LEU B 224 21.76 0.83 -3.08
CA LEU B 224 21.88 -0.63 -3.19
C LEU B 224 23.32 -1.12 -2.94
N LYS B 225 24.33 -0.35 -3.36
CA LYS B 225 25.72 -0.70 -3.13
C LYS B 225 26.03 -2.10 -3.63
N LEU B 226 25.81 -2.32 -4.90
CA LEU B 226 26.07 -3.59 -5.53
C LEU B 226 27.48 -3.50 -6.14
N ASN B 227 28.16 -4.62 -6.21
CA ASN B 227 29.39 -4.68 -6.93
C ASN B 227 29.05 -4.83 -8.41
N ILE B 228 29.22 -3.75 -9.16
CA ILE B 228 28.90 -3.72 -10.59
C ILE B 228 30.08 -3.20 -11.39
N LYS B 229 30.40 -3.84 -12.51
CA LYS B 229 31.41 -3.31 -13.40
C LYS B 229 30.81 -2.86 -14.71
N PHE B 230 31.21 -1.70 -15.15
CA PHE B 230 30.63 -1.12 -16.31
C PHE B 230 31.61 -1.20 -17.46
N ASN B 231 31.14 -0.94 -18.68
CA ASN B 231 31.94 -1.03 -19.89
C ASN B 231 32.81 -2.31 -19.92
N SER B 232 32.19 -3.44 -19.61
CA SER B 232 32.87 -4.70 -19.48
C SER B 232 32.12 -5.83 -20.22
N PRO B 233 32.15 -5.83 -21.55
CA PRO B 233 31.59 -6.93 -22.30
C PRO B 233 32.25 -8.28 -21.98
N VAL B 234 31.42 -9.29 -21.73
CA VAL B 234 31.89 -10.65 -21.53
C VAL B 234 32.28 -11.26 -22.87
N THR B 235 33.36 -12.03 -22.89
CA THR B 235 33.82 -12.66 -24.13
C THR B 235 33.70 -14.16 -24.03
N GLU B 236 33.71 -14.69 -22.82
CA GLU B 236 33.63 -16.12 -22.64
C GLU B 236 33.26 -16.51 -21.19
N VAL B 237 32.48 -17.57 -21.09
CA VAL B 237 32.24 -18.28 -19.85
C VAL B 237 32.82 -19.71 -20.01
N LYS B 238 33.74 -20.06 -19.13
CA LYS B 238 34.38 -21.38 -19.11
C LYS B 238 33.89 -22.16 -17.90
N LYS B 239 33.60 -23.45 -18.07
CA LYS B 239 33.31 -24.32 -16.94
C LYS B 239 34.57 -25.07 -16.48
N ILE B 240 34.84 -25.10 -15.17
CA ILE B 240 36.01 -25.76 -14.60
C ILE B 240 35.66 -27.06 -13.84
N LYS B 241 34.52 -27.08 -13.16
CA LYS B 241 34.10 -28.21 -12.37
C LYS B 241 32.59 -28.01 -12.18
N ASP B 242 31.92 -28.90 -11.48
CA ASP B 242 30.53 -28.61 -11.13
C ASP B 242 30.58 -27.38 -10.20
N ASP B 243 29.63 -26.46 -10.39
CA ASP B 243 29.51 -25.28 -9.50
C ASP B 243 30.81 -24.42 -9.49
N GLU B 244 31.47 -24.28 -10.63
CA GLU B 244 32.73 -23.52 -10.74
C GLU B 244 32.93 -22.98 -12.14
N TYR B 245 33.03 -21.66 -12.30
CA TYR B 245 33.08 -21.04 -13.65
C TYR B 245 34.01 -19.87 -13.69
N GLU B 246 34.45 -19.54 -14.89
CA GLU B 246 35.30 -18.41 -15.14
C GLU B 246 34.59 -17.51 -16.12
N VAL B 247 34.32 -16.28 -15.71
CA VAL B 247 33.74 -15.34 -16.61
C VAL B 247 34.87 -14.45 -17.04
N ILE B 248 35.05 -14.35 -18.36
CA ILE B 248 36.17 -13.68 -18.94
C ILE B 248 35.57 -12.48 -19.62
N TYR B 249 36.22 -11.34 -19.50
CA TYR B 249 35.65 -10.11 -19.97
C TYR B 249 36.74 -9.12 -20.37
N SER B 250 36.33 -8.11 -21.12
CA SER B 250 37.27 -7.14 -21.64
C SER B 250 36.98 -5.84 -20.90
N THR B 251 38.03 -5.08 -20.61
CA THR B 251 37.89 -3.76 -20.02
C THR B 251 37.60 -2.75 -21.10
N LYS B 252 37.26 -1.53 -20.68
CA LYS B 252 37.10 -0.41 -21.60
C LYS B 252 38.33 -0.27 -22.48
N ASP B 253 39.50 -0.28 -21.84
CA ASP B 253 40.78 -0.10 -22.54
C ASP B 253 41.06 -1.18 -23.60
N GLY B 254 40.52 -2.38 -23.39
CA GLY B 254 40.75 -3.52 -24.31
C GLY B 254 41.45 -4.73 -23.67
N SER B 255 41.85 -4.62 -22.41
CA SER B 255 42.56 -5.70 -21.74
C SER B 255 41.66 -6.76 -21.09
N LYS B 256 42.14 -8.00 -21.05
CA LYS B 256 41.36 -9.15 -20.60
C LYS B 256 41.44 -9.29 -19.07
N LYS B 257 40.32 -9.60 -18.45
CA LYS B 257 40.25 -9.82 -17.01
C LYS B 257 39.30 -10.99 -16.83
N SER B 258 39.33 -11.60 -15.67
CA SER B 258 38.45 -12.73 -15.40
C SER B 258 37.96 -12.81 -13.97
N ILE B 259 36.82 -13.44 -13.75
CA ILE B 259 36.26 -13.61 -12.43
C ILE B 259 35.87 -15.06 -12.24
N PHE B 260 36.04 -15.56 -11.02
CA PHE B 260 35.72 -16.93 -10.74
C PHE B 260 34.55 -16.98 -9.82
N THR B 261 33.60 -17.85 -10.11
CA THR B 261 32.33 -17.81 -9.42
C THR B 261 31.76 -19.19 -9.41
N ASN B 262 30.65 -19.38 -8.71
CA ASN B 262 30.00 -20.66 -8.72
C ASN B 262 28.87 -20.74 -9.68
N SER B 263 28.47 -19.62 -10.29
CA SER B 263 27.21 -19.59 -11.04
C SER B 263 27.08 -18.29 -11.81
N VAL B 264 26.59 -18.41 -13.05
CA VAL B 264 26.43 -17.30 -13.97
C VAL B 264 24.97 -17.17 -14.44
N VAL B 265 24.45 -15.93 -14.40
CA VAL B 265 23.11 -15.61 -14.87
C VAL B 265 23.17 -14.62 -16.02
N LEU B 266 22.55 -14.94 -17.13
CA LEU B 266 22.40 -13.99 -18.20
C LEU B 266 21.10 -13.19 -18.07
N ALA B 267 21.17 -11.86 -18.10
CA ALA B 267 20.00 -10.99 -17.97
C ALA B 267 20.12 -9.86 -18.98
N ALA B 268 19.89 -10.17 -20.25
CA ALA B 268 20.33 -9.28 -21.33
C ALA B 268 19.21 -8.55 -22.02
N GLY B 269 18.05 -8.47 -21.38
CA GLY B 269 16.91 -7.80 -22.00
C GLY B 269 16.03 -8.80 -22.71
N ARG B 270 14.85 -8.35 -23.10
CA ARG B 270 13.93 -9.20 -23.79
C ARG B 270 13.74 -8.66 -25.20
N ARG B 271 13.29 -9.53 -26.11
CA ARG B 271 13.00 -9.13 -27.50
C ARG B 271 11.51 -9.49 -27.79
N PRO B 272 10.81 -8.62 -28.53
CA PRO B 272 9.41 -8.84 -28.92
C PRO B 272 9.27 -10.08 -29.76
N VAL B 273 8.14 -10.78 -29.62
CA VAL B 273 7.93 -12.05 -30.31
C VAL B 273 6.93 -11.79 -31.40
N ILE B 274 7.29 -12.15 -32.62
CA ILE B 274 6.45 -11.87 -33.78
C ILE B 274 5.86 -13.19 -34.29
N PRO B 275 4.52 -13.30 -34.32
CA PRO B 275 3.95 -14.50 -34.89
C PRO B 275 4.40 -14.76 -36.34
N GLU B 276 4.64 -16.02 -36.65
CA GLU B 276 4.75 -16.49 -38.03
C GLU B 276 3.66 -15.85 -38.91
N GLY B 277 4.10 -15.25 -40.02
CA GLY B 277 3.20 -14.70 -41.02
C GLY B 277 2.83 -13.25 -40.86
N ALA B 278 3.27 -12.63 -39.76
CA ALA B 278 2.92 -11.25 -39.48
C ALA B 278 3.65 -10.33 -40.46
N ARG B 279 4.95 -10.56 -40.59
CA ARG B 279 5.78 -9.88 -41.60
C ARG B 279 5.22 -10.08 -43.02
N GLU B 280 5.11 -11.32 -43.45
CA GLU B 280 4.51 -11.61 -44.75
C GLU B 280 3.21 -10.83 -45.07
N ILE B 281 2.36 -10.46 -44.12
CA ILE B 281 1.13 -9.69 -44.47
C ILE B 281 1.32 -8.17 -44.48
N GLY B 282 2.55 -7.71 -44.23
CA GLY B 282 2.84 -6.28 -44.25
C GLY B 282 2.65 -5.46 -42.97
N LEU B 283 2.66 -6.12 -41.80
CA LEU B 283 2.61 -5.38 -40.53
C LEU B 283 3.84 -4.51 -40.36
N SER B 284 3.63 -3.23 -40.05
CA SER B 284 4.76 -2.34 -39.81
C SER B 284 5.39 -2.72 -38.44
N ILE B 285 6.66 -3.11 -38.45
CA ILE B 285 7.39 -3.62 -37.28
C ILE B 285 8.77 -3.01 -37.14
N SER B 286 9.03 -2.34 -36.03
CA SER B 286 10.32 -1.71 -35.76
C SER B 286 11.23 -2.63 -34.92
N LYS B 287 12.33 -2.05 -34.42
CA LYS B 287 13.20 -2.74 -33.46
C LYS B 287 12.39 -3.05 -32.20
N THR B 288 11.81 -1.99 -31.63
CA THR B 288 11.16 -2.10 -30.33
C THR B 288 9.88 -2.98 -30.33
N GLY B 289 9.20 -3.09 -31.47
CA GLY B 289 8.08 -4.04 -31.65
C GLY B 289 7.11 -3.65 -32.77
N ILE B 290 5.92 -4.25 -32.78
CA ILE B 290 4.88 -3.94 -33.77
C ILE B 290 4.40 -2.53 -33.54
N VAL B 291 4.41 -1.71 -34.57
CA VAL B 291 4.13 -0.32 -34.40
C VAL B 291 2.63 -0.20 -34.22
N VAL B 292 2.23 0.48 -33.15
CA VAL B 292 0.84 0.79 -32.91
C VAL B 292 0.69 2.23 -32.50
N ASP B 293 -0.53 2.73 -32.52
CA ASP B 293 -0.82 4.02 -31.93
C ASP B 293 -1.44 3.80 -30.51
N GLU B 294 -2.09 4.79 -29.94
CA GLU B 294 -2.51 4.72 -28.54
C GLU B 294 -3.78 3.92 -28.36
N THR B 295 -4.48 3.71 -29.47
CA THR B 295 -5.65 2.84 -29.52
C THR B 295 -5.27 1.35 -29.65
N MET B 296 -3.97 1.06 -29.83
CA MET B 296 -3.42 -0.27 -30.02
C MET B 296 -3.60 -0.84 -31.45
N LYS B 297 -4.07 0.02 -32.37
CA LYS B 297 -4.26 -0.34 -33.78
C LYS B 297 -2.95 -0.27 -34.59
N THR B 298 -2.75 -1.31 -35.39
CA THR B 298 -1.56 -1.48 -36.21
C THR B 298 -1.76 -0.79 -37.59
N ASN B 299 -0.79 -0.87 -38.49
CA ASN B 299 -1.02 -0.37 -39.85
C ASN B 299 -2.12 -1.14 -40.63
N ILE B 300 -2.41 -2.38 -40.24
CA ILE B 300 -3.54 -3.14 -40.79
C ILE B 300 -4.72 -2.84 -39.89
N PRO B 301 -5.83 -2.37 -40.45
CA PRO B 301 -6.81 -1.64 -39.61
C PRO B 301 -7.76 -2.51 -38.78
N ASN B 302 -7.76 -3.80 -39.03
CA ASN B 302 -8.58 -4.69 -38.22
C ASN B 302 -7.70 -5.50 -37.27
N VAL B 303 -6.40 -5.18 -37.22
CA VAL B 303 -5.45 -5.91 -36.41
C VAL B 303 -4.86 -4.97 -35.36
N PHE B 304 -4.98 -5.40 -34.10
CA PHE B 304 -4.46 -4.68 -32.92
C PHE B 304 -3.33 -5.44 -32.32
N ALA B 305 -2.42 -4.75 -31.62
CA ALA B 305 -1.31 -5.41 -30.92
C ALA B 305 -1.05 -4.81 -29.54
N THR B 306 -1.00 -5.68 -28.55
CA THR B 306 -1.05 -5.32 -27.17
C THR B 306 0.12 -5.99 -26.43
N GLY B 307 0.58 -5.35 -25.37
CA GLY B 307 1.60 -5.93 -24.53
C GLY B 307 2.97 -5.89 -25.14
N ASP B 308 3.85 -6.77 -24.65
CA ASP B 308 5.30 -6.64 -24.91
C ASP B 308 5.64 -6.74 -26.40
N ALA B 309 4.79 -7.39 -27.18
CA ALA B 309 4.96 -7.44 -28.62
C ALA B 309 4.97 -6.04 -29.27
N ASN B 310 4.30 -5.04 -28.67
CA ASN B 310 4.36 -3.69 -29.22
C ASN B 310 5.53 -2.90 -28.65
N GLY B 311 6.05 -3.30 -27.50
CA GLY B 311 7.23 -2.68 -26.89
C GLY B 311 7.06 -1.31 -26.25
N LEU B 312 5.85 -0.79 -26.20
CA LEU B 312 5.62 0.53 -25.62
C LEU B 312 5.78 0.66 -24.11
N ALA B 313 5.52 -0.43 -23.37
CA ALA B 313 5.38 -0.38 -21.90
C ALA B 313 5.41 -1.79 -21.37
N PRO B 314 6.58 -2.42 -21.37
CA PRO B 314 6.62 -3.88 -21.23
C PRO B 314 6.47 -4.38 -19.79
N TYR B 315 5.28 -4.16 -19.22
CA TYR B 315 4.94 -4.52 -17.85
C TYR B 315 3.56 -5.12 -17.88
N TYR B 316 3.32 -6.11 -17.03
CA TYR B 316 2.04 -6.85 -17.06
C TYR B 316 0.83 -5.91 -17.00
N HIS B 317 0.82 -5.00 -16.03
CA HIS B 317 -0.34 -4.11 -15.82
C HIS B 317 -0.55 -3.15 -16.97
N ALA B 318 0.52 -2.76 -17.65
CA ALA B 318 0.35 -2.02 -18.89
C ALA B 318 -0.29 -2.92 -19.95
N ALA B 319 0.18 -4.16 -20.00
CA ALA B 319 -0.35 -5.14 -20.92
C ALA B 319 -1.87 -5.35 -20.73
N VAL B 320 -2.32 -5.47 -19.49
CA VAL B 320 -3.74 -5.66 -19.21
C VAL B 320 -4.54 -4.46 -19.74
N ARG B 321 -4.12 -3.26 -19.36
CA ARG B 321 -4.74 -2.06 -19.85
C ARG B 321 -4.82 -1.98 -21.40
N MET B 322 -3.75 -2.31 -22.11
CA MET B 322 -3.77 -2.32 -23.61
C MET B 322 -4.76 -3.37 -24.13
N SER B 323 -4.82 -4.54 -23.48
CA SER B 323 -5.75 -5.60 -23.87
C SER B 323 -7.18 -5.08 -23.78
N ILE B 324 -7.48 -4.40 -22.69
CA ILE B 324 -8.82 -3.88 -22.48
C ILE B 324 -9.12 -2.82 -23.55
N ALA B 325 -8.13 -1.96 -23.83
CA ALA B 325 -8.34 -0.93 -24.85
C ALA B 325 -8.59 -1.51 -26.25
N ALA B 326 -7.84 -2.53 -26.64
CA ALA B 326 -8.10 -3.27 -27.89
C ALA B 326 -9.52 -3.81 -27.94
N ALA B 327 -9.99 -4.35 -26.82
CA ALA B 327 -11.31 -4.94 -26.80
C ALA B 327 -12.38 -3.87 -26.96
N ASN B 328 -12.19 -2.70 -26.36
CA ASN B 328 -13.22 -1.66 -26.46
C ASN B 328 -13.30 -1.12 -27.89
N ASN B 329 -12.15 -0.93 -28.52
CA ASN B 329 -12.10 -0.42 -29.86
C ASN B 329 -12.68 -1.41 -30.85
N ILE B 330 -12.42 -2.71 -30.63
CA ILE B 330 -12.96 -3.71 -31.51
C ILE B 330 -14.47 -3.67 -31.41
N MET B 331 -15.00 -3.56 -30.20
CA MET B 331 -16.43 -3.58 -29.95
C MET B 331 -17.11 -2.39 -30.68
N ALA B 332 -16.46 -1.23 -30.66
CA ALA B 332 -16.87 -0.06 -31.42
C ALA B 332 -16.53 -0.19 -32.92
N ASN B 333 -16.35 -1.43 -33.37
CA ASN B 333 -16.04 -1.75 -34.74
C ASN B 333 -14.90 -0.95 -35.34
N GLY B 334 -13.88 -0.64 -34.55
CA GLY B 334 -12.69 0.05 -35.05
C GLY B 334 -12.61 1.52 -34.64
N MET B 335 -13.74 2.14 -34.27
CA MET B 335 -13.77 3.55 -33.86
C MET B 335 -12.92 3.70 -32.58
N PRO B 336 -12.15 4.81 -32.47
CA PRO B 336 -11.16 4.85 -31.42
C PRO B 336 -11.75 5.33 -30.10
N VAL B 337 -12.62 4.53 -29.49
CA VAL B 337 -13.23 4.92 -28.22
C VAL B 337 -12.34 4.80 -26.99
N ASP B 338 -11.19 4.17 -27.10
CA ASP B 338 -10.34 3.98 -25.92
C ASP B 338 -8.84 4.07 -26.30
N TYR B 339 -8.06 4.61 -25.39
CA TYR B 339 -6.68 5.05 -25.62
CA TYR B 339 -6.66 4.91 -25.63
C TYR B 339 -5.87 4.76 -24.36
N VAL B 340 -4.61 4.43 -24.51
CA VAL B 340 -3.76 4.19 -23.40
C VAL B 340 -2.75 5.33 -23.24
N ASP B 341 -2.75 5.92 -22.03
CA ASP B 341 -1.77 6.93 -21.57
C ASP B 341 -0.54 6.27 -20.85
N VAL B 342 0.50 5.93 -21.59
CA VAL B 342 1.69 5.26 -21.06
C VAL B 342 2.42 5.94 -19.89
N LYS B 343 2.64 7.24 -20.00
CA LYS B 343 3.38 7.98 -18.99
C LYS B 343 2.71 7.88 -17.62
N SER B 344 1.39 7.73 -17.58
CA SER B 344 0.69 7.56 -16.31
C SER B 344 0.54 6.10 -15.81
N ILE B 345 1.23 5.18 -16.45
CA ILE B 345 1.32 3.85 -15.89
C ILE B 345 2.54 3.71 -14.99
N PRO B 346 2.35 3.42 -13.70
CA PRO B 346 3.49 3.24 -12.80
C PRO B 346 4.39 2.08 -13.16
N VAL B 347 5.68 2.21 -12.85
CA VAL B 347 6.67 1.16 -13.03
C VAL B 347 7.39 0.94 -11.69
N THR B 348 7.62 -0.30 -11.30
CA THR B 348 8.39 -0.59 -10.11
C THR B 348 9.51 -1.58 -10.46
N ILE B 349 10.77 -1.21 -10.14
CA ILE B 349 11.92 -2.10 -10.18
C ILE B 349 12.04 -2.76 -8.81
N TYR B 350 11.91 -4.08 -8.75
CA TYR B 350 11.73 -4.82 -7.49
C TYR B 350 13.03 -5.26 -6.81
N THR B 351 14.01 -4.37 -6.81
CA THR B 351 15.13 -4.49 -5.90
C THR B 351 14.67 -4.37 -4.47
N ILE B 352 15.60 -4.57 -3.54
CA ILE B 352 15.32 -4.33 -2.16
C ILE B 352 16.25 -3.26 -1.56
N PRO B 353 15.72 -2.06 -1.26
CA PRO B 353 14.37 -1.57 -1.46
C PRO B 353 14.05 -1.35 -2.92
N SER B 354 12.76 -1.27 -3.25
CA SER B 354 12.36 -1.02 -4.64
C SER B 354 12.43 0.45 -5.10
N LEU B 355 12.42 0.64 -6.40
CA LEU B 355 12.24 1.94 -7.01
C LEU B 355 10.93 1.90 -7.78
N SER B 356 10.06 2.86 -7.52
CA SER B 356 8.82 3.02 -8.24
C SER B 356 8.81 4.40 -8.87
N TYR B 357 8.23 4.52 -10.05
CA TYR B 357 8.14 5.82 -10.71
C TYR B 357 6.96 5.92 -11.66
N VAL B 358 6.51 7.16 -11.89
CA VAL B 358 5.35 7.39 -12.72
C VAL B 358 5.35 8.80 -13.25
N GLY B 359 4.91 8.97 -14.46
CA GLY B 359 4.68 10.24 -15.03
C GLY B 359 5.93 10.82 -15.60
N ILE B 360 5.99 12.14 -15.62
CA ILE B 360 7.09 12.86 -16.18
C ILE B 360 8.12 13.12 -15.11
N LEU B 361 9.36 12.71 -15.37
CA LEU B 361 10.45 12.92 -14.44
C LEU B 361 11.34 14.09 -14.88
N PRO B 362 12.23 14.59 -13.99
CA PRO B 362 13.02 15.82 -14.32
C PRO B 362 13.83 15.84 -15.60
N SER B 363 14.45 14.73 -15.97
CA SER B 363 15.19 14.70 -17.21
C SER B 363 14.25 15.05 -18.34
N LYS B 364 13.10 14.40 -18.41
CA LYS B 364 12.11 14.64 -19.47
C LYS B 364 11.47 16.02 -19.43
N ALA B 365 11.13 16.48 -18.23
CA ALA B 365 10.51 17.78 -18.05
C ALA B 365 11.45 18.86 -18.61
N ARG B 366 12.73 18.69 -18.34
CA ARG B 366 13.71 19.63 -18.85
C ARG B 366 13.72 19.64 -20.40
N LYS B 367 13.67 18.46 -21.01
CA LYS B 367 13.67 18.37 -22.48
C LYS B 367 12.40 18.91 -23.10
N MET B 368 11.28 18.76 -22.41
CA MET B 368 10.02 19.36 -22.86
C MET B 368 9.90 20.87 -22.62
N GLY B 369 10.75 21.45 -21.78
CA GLY B 369 10.61 22.87 -21.43
C GLY B 369 9.64 23.20 -20.30
N ILE B 370 9.24 22.18 -19.53
CA ILE B 370 8.38 22.37 -18.37
C ILE B 370 9.25 22.67 -17.17
N GLU B 371 8.90 23.75 -16.48
CA GLU B 371 9.60 24.20 -15.28
CA GLU B 371 9.64 24.16 -15.28
C GLU B 371 8.94 23.49 -14.11
N ILE B 372 9.74 23.00 -13.16
CA ILE B 372 9.22 22.15 -12.08
C ILE B 372 9.68 22.56 -10.70
N VAL B 373 8.93 22.14 -9.68
CA VAL B 373 9.37 22.13 -8.27
C VAL B 373 9.31 20.70 -7.73
N GLU B 374 10.31 20.33 -6.97
CA GLU B 374 10.44 19.00 -6.42
C GLU B 374 10.26 19.11 -4.93
N ALA B 375 9.41 18.29 -4.35
CA ALA B 375 9.30 18.19 -2.88
C ALA B 375 9.79 16.81 -2.47
N GLU B 376 10.49 16.73 -1.35
CA GLU B 376 11.13 15.50 -0.99
C GLU B 376 11.00 15.06 0.47
N TYR B 377 11.03 13.75 0.70
CA TYR B 377 10.90 13.18 2.03
C TYR B 377 11.90 12.06 2.20
N ASN B 378 12.49 12.00 3.37
CA ASN B 378 13.48 10.99 3.64
C ASN B 378 12.84 9.83 4.44
N MET B 379 13.02 8.60 3.94
CA MET B 379 12.28 7.43 4.46
C MET B 379 12.70 7.01 5.88
N GLU B 380 13.85 7.49 6.33
CA GLU B 380 14.26 7.38 7.75
C GLU B 380 13.17 7.74 8.76
N GLU B 381 12.21 8.55 8.33
CA GLU B 381 11.19 9.08 9.23
C GLU B 381 9.86 8.37 9.14
N ASP B 382 9.71 7.47 8.17
CA ASP B 382 8.47 6.66 8.05
C ASP B 382 8.33 5.62 9.16
N VAL B 383 7.15 5.51 9.73
CA VAL B 383 6.92 4.52 10.76
C VAL B 383 7.29 3.08 10.31
N SER B 384 6.75 2.64 9.18
CA SER B 384 6.99 1.26 8.77
C SER B 384 8.44 1.01 8.44
N ALA B 385 9.12 2.02 7.90
CA ALA B 385 10.56 1.87 7.68
C ALA B 385 11.27 1.61 9.02
N GLN B 386 10.80 2.24 10.07
CA GLN B 386 11.44 2.16 11.37
C GLN B 386 11.15 0.81 12.01
N ILE B 387 9.90 0.38 11.95
CA ILE B 387 9.54 -0.91 12.51
C ILE B 387 10.44 -2.00 11.93
N TYR B 388 10.62 -2.00 10.60
CA TYR B 388 11.40 -3.05 9.93
C TYR B 388 12.90 -2.83 9.89
N GLY B 389 13.40 -1.71 10.36
CA GLY B 389 14.82 -1.40 10.19
C GLY B 389 15.25 -1.23 8.73
N GLN B 390 14.35 -0.70 7.88
CA GLN B 390 14.61 -0.49 6.44
C GLN B 390 14.48 0.97 6.19
N LYS B 391 15.50 1.72 6.55
CA LYS B 391 15.41 3.17 6.62
C LYS B 391 16.01 3.91 5.39
N GLU B 392 16.58 3.15 4.45
CA GLU B 392 17.20 3.74 3.27
C GLU B 392 16.08 4.17 2.33
N GLY B 393 16.18 5.38 1.77
CA GLY B 393 15.25 5.76 0.70
C GLY B 393 14.68 7.16 0.74
N VAL B 394 13.91 7.48 -0.29
CA VAL B 394 13.46 8.83 -0.52
C VAL B 394 12.23 8.85 -1.43
N LEU B 395 11.32 9.79 -1.18
CA LEU B 395 10.14 10.03 -2.02
C LEU B 395 10.34 11.39 -2.62
N LYS B 396 10.14 11.54 -3.93
CA LYS B 396 10.16 12.84 -4.61
C LYS B 396 8.89 13.07 -5.43
N LEU B 397 8.23 14.19 -5.19
CA LEU B 397 7.09 14.62 -5.97
C LEU B 397 7.50 15.65 -7.02
N ILE B 398 7.10 15.50 -8.28
CA ILE B 398 7.42 16.47 -9.30
C ILE B 398 6.19 17.29 -9.65
N PHE B 399 6.24 18.59 -9.34
CA PHE B 399 5.11 19.51 -9.56
C PHE B 399 5.40 20.44 -10.70
N GLU B 400 4.38 20.73 -11.47
CA GLU B 400 4.50 21.71 -12.53
C GLU B 400 4.33 23.09 -11.91
N ARG B 401 5.30 23.97 -12.14
CA ARG B 401 5.18 25.37 -11.70
C ARG B 401 3.93 26.05 -12.27
N GLY B 402 3.23 26.80 -11.40
CA GLY B 402 2.06 27.57 -11.81
C GLY B 402 0.82 26.84 -11.40
N SER B 403 0.49 25.78 -12.14
CA SER B 403 -0.62 24.89 -11.80
C SER B 403 -0.38 24.12 -10.48
N MET B 404 0.91 23.92 -10.13
CA MET B 404 1.33 22.93 -9.14
C MET B 404 0.61 21.57 -9.33
N ARG B 405 0.39 21.22 -10.59
CA ARG B 405 -0.10 19.91 -10.95
C ARG B 405 1.01 18.87 -10.68
N LEU B 406 0.61 17.74 -10.10
CA LEU B 406 1.55 16.62 -9.92
C LEU B 406 1.73 15.92 -11.27
N ILE B 407 2.91 16.01 -11.84
CA ILE B 407 3.17 15.42 -13.16
C ILE B 407 4.07 14.21 -13.07
N GLY B 408 4.63 13.95 -11.91
CA GLY B 408 5.47 12.79 -11.78
C GLY B 408 5.85 12.56 -10.34
N ALA B 409 6.33 11.37 -10.05
CA ALA B 409 6.78 11.05 -8.74
C ALA B 409 7.68 9.84 -8.86
N TRP B 410 8.61 9.78 -7.93
CA TRP B 410 9.47 8.60 -7.78
C TRP B 410 9.85 8.39 -6.35
N MET B 411 10.05 7.15 -6.01
CA MET B 411 10.23 6.76 -4.66
C MET B 411 11.10 5.53 -4.65
N ILE B 412 12.16 5.58 -3.84
CA ILE B 412 12.82 4.39 -3.36
C ILE B 412 12.54 4.17 -1.90
N GLY B 413 12.05 2.97 -1.54
CA GLY B 413 11.83 2.66 -0.13
C GLY B 413 10.81 1.57 0.02
N VAL B 414 10.47 1.22 1.26
CA VAL B 414 9.55 0.14 1.54
C VAL B 414 8.16 0.58 1.14
N HIS B 415 7.41 -0.31 0.51
CA HIS B 415 6.07 -0.08 0.06
C HIS B 415 6.00 0.91 -1.08
N SER B 416 7.11 1.16 -1.77
CA SER B 416 7.03 2.02 -2.91
C SER B 416 5.98 1.46 -3.88
N GLN B 417 5.82 0.13 -3.93
CA GLN B 417 4.86 -0.46 -4.87
C GLN B 417 3.41 -0.11 -4.54
N TYR B 418 3.09 0.25 -3.29
CA TYR B 418 1.73 0.64 -2.92
C TYR B 418 1.58 2.12 -3.08
N LEU B 419 2.50 2.87 -2.53
CA LEU B 419 2.46 4.33 -2.66
C LEU B 419 2.34 4.84 -4.09
N ILE B 420 3.08 4.24 -5.02
CA ILE B 420 3.06 4.67 -6.41
C ILE B 420 1.71 4.62 -7.10
N ASN B 421 0.79 3.80 -6.62
CA ASN B 421 -0.55 3.74 -7.20
C ASN B 421 -1.38 4.92 -6.81
N GLU B 422 -1.31 5.31 -5.54
CA GLU B 422 -1.97 6.56 -5.11
C GLU B 422 -1.44 7.72 -5.96
N LEU B 423 -0.13 7.79 -6.05
CA LEU B 423 0.53 8.89 -6.79
C LEU B 423 0.23 8.82 -8.28
N GLY B 424 0.15 7.59 -8.80
CA GLY B 424 -0.16 7.40 -10.20
C GLY B 424 -1.55 7.88 -10.54
N LEU B 425 -2.46 7.72 -9.58
CA LEU B 425 -3.82 8.17 -9.76
C LEU B 425 -3.82 9.71 -9.78
N ALA B 426 -3.00 10.32 -8.96
CA ALA B 426 -3.00 11.79 -8.95
C ALA B 426 -2.40 12.31 -10.25
N VAL B 427 -1.34 11.68 -10.71
CA VAL B 427 -0.75 12.07 -11.96
C VAL B 427 -1.74 11.91 -13.09
N ALA B 428 -2.31 10.72 -13.24
CA ALA B 428 -3.30 10.39 -14.31
C ALA B 428 -4.48 11.34 -14.45
N TYR B 429 -5.00 11.84 -13.34
CA TYR B 429 -6.18 12.70 -13.40
C TYR B 429 -5.89 14.10 -12.90
N GLY B 430 -4.60 14.44 -12.79
CA GLY B 430 -4.17 15.83 -12.70
C GLY B 430 -4.37 16.57 -11.40
N LEU B 431 -4.28 15.89 -10.27
CA LEU B 431 -4.43 16.54 -8.97
C LEU B 431 -3.24 17.45 -8.65
N ASN B 432 -3.49 18.53 -7.92
CA ASN B 432 -2.42 19.49 -7.60
C ASN B 432 -1.95 19.34 -6.17
N ALA B 433 -0.87 20.06 -5.86
CA ALA B 433 -0.31 20.10 -4.51
C ALA B 433 -1.32 20.41 -3.41
N LYS B 434 -2.27 21.31 -3.64
CA LYS B 434 -3.25 21.63 -2.58
C LYS B 434 -4.08 20.39 -2.32
N GLN B 435 -4.60 19.79 -3.38
CA GLN B 435 -5.41 18.58 -3.28
C GLN B 435 -4.75 17.40 -2.53
N LEU B 436 -3.45 17.22 -2.71
CA LEU B 436 -2.74 16.14 -2.06
C LEU B 436 -2.47 16.49 -0.61
N ALA B 437 -2.08 17.74 -0.41
CA ALA B 437 -1.94 18.29 0.93
C ALA B 437 -3.25 18.15 1.75
N SER B 438 -4.42 18.42 1.14
CA SER B 438 -5.72 18.36 1.88
C SER B 438 -6.20 16.97 2.15
N PHE B 439 -5.64 15.97 1.44
CA PHE B 439 -6.10 14.60 1.67
C PHE B 439 -5.37 13.98 2.88
N ALA B 440 -6.08 13.23 3.73
CA ALA B 440 -5.48 12.68 4.96
C ALA B 440 -5.30 11.15 4.89
N GLU B 441 -4.10 10.72 4.50
CA GLU B 441 -3.81 9.28 4.47
C GLU B 441 -3.89 8.61 5.84
N GLN B 442 -4.39 7.36 5.80
CA GLN B 442 -4.47 6.46 6.93
C GLN B 442 -3.15 6.37 7.68
N HIS B 443 -3.19 6.77 8.95
CA HIS B 443 -2.08 6.65 9.87
C HIS B 443 -2.17 5.29 10.56
N PRO B 444 -1.06 4.58 10.69
CA PRO B 444 0.30 4.91 10.33
C PRO B 444 0.79 4.30 9.02
N SER B 445 -0.05 4.16 8.00
CA SER B 445 0.45 3.56 6.73
C SER B 445 1.56 4.40 6.15
N THR B 446 2.41 3.81 5.33
CA THR B 446 3.49 4.59 4.71
C THR B 446 2.96 5.69 3.77
N ASN B 447 1.71 5.53 3.32
CA ASN B 447 1.01 6.56 2.50
C ASN B 447 0.93 7.95 3.11
N GLU B 448 0.97 8.06 4.45
CA GLU B 448 0.92 9.38 5.11
C GLU B 448 2.06 10.32 4.68
N ILE B 449 3.17 9.77 4.20
CA ILE B 449 4.30 10.60 3.76
C ILE B 449 3.95 11.45 2.53
N ILE B 450 2.96 11.01 1.73
CA ILE B 450 2.59 11.75 0.52
C ILE B 450 1.98 13.16 0.86
N SER B 451 0.95 13.18 1.68
CA SER B 451 0.30 14.44 1.98
C SER B 451 1.20 15.20 2.93
N TYR B 452 1.92 14.49 3.78
CA TYR B 452 2.98 15.13 4.58
C TYR B 452 3.94 15.89 3.66
N THR B 453 4.42 15.24 2.59
CA THR B 453 5.38 15.89 1.63
C THR B 453 4.78 17.02 0.76
N ALA B 454 3.53 16.85 0.31
CA ALA B 454 2.77 17.92 -0.33
C ALA B 454 2.50 19.15 0.60
N ARG B 455 2.32 18.93 1.89
CA ARG B 455 2.19 20.05 2.84
C ARG B 455 3.47 20.87 2.98
N LYS B 456 4.64 20.23 2.83
CA LYS B 456 5.94 20.93 2.94
C LYS B 456 6.29 21.84 1.77
N VAL B 457 5.79 21.51 0.58
CA VAL B 457 6.05 22.35 -0.57
C VAL B 457 5.32 23.66 -0.33
N ILE B 458 4.07 23.54 0.13
CA ILE B 458 3.19 24.68 0.41
C ILE B 458 3.78 25.60 1.51
N GLU B 459 4.60 25.00 2.37
CA GLU B 459 5.52 25.70 3.27
C GLU B 459 6.86 25.82 2.55
#